data_4Q9K
#
_entry.id   4Q9K
#
_cell.length_a   91.240
_cell.length_b   138.600
_cell.length_c   195.650
_cell.angle_alpha   90.00
_cell.angle_beta   90.00
_cell.angle_gamma   90.00
#
_symmetry.space_group_name_H-M   'P 21 21 21'
#
loop_
_entity.id
_entity.type
_entity.pdbx_description
1 polymer 'Multidrug resistance protein 1A'
2 polymer '(30F)L(30F)L(30F)L Peptide'
#
loop_
_entity_poly.entity_id
_entity_poly.type
_entity_poly.pdbx_seq_one_letter_code
_entity_poly.pdbx_strand_id
1 'polypeptide(L)'
;MELEEDLKGRADKNFSKMGKKSKKEKKEKKPAVSVLTMFRYAGWLDRLYMLVGTLAAIIHGVALPLMMLIFGDMTDSFAS
VGQVSKQSTQMSEADKRAMFAKLEEEMTTYAYYYTGIGAGVLIVAYIQVSFWCLAAGRQIHKIRQKFFHAIMNQEIGWFD
VHDVGELNTRLTDDVSKINEGIGDKIGMFFQAMATFFGGFIIGFTRGWKLTLVILAISPVLGLSAGIWAKILSSFTDKEL
HAYAKAGAVAEEVLAAIRTVIAFGGQKKELERYNNNLEEAKRLGIKKAITANISMGAAFLLIYASYALAFWYGTSLVISK
EYSIGQVLTVFFSVLIGAFSVGQASPNIEAFANARGAAYEVFKIIDNKPSIDSFSKSGHKPDNIQGNLEFKNIHFSYPSR
KEVQILKGLNLKVKSGQTVALVGNSGCGKSTTVQLMQRLYDPLDGMVSIDGQDIRTINVRYLREIIGVVSQEPVLFATTI
AENIRYGREDVTMDEIEKAVKEANAYDFIMKLPHQFDTLVGERGAQLSGGQKQRIAIARALVRNPKILLLDEATSALDTE
SEAVVQAALDKAREGRTTIVIAHRLSTVRNADVIAGFDGGVIVEQGNHDELMREKGIYFKLVMTQTAGNEIELGNEACKS
KDEIDNLDMSSKDSGSSLIRRRSTRKSICGPHDQDRKLSTKEALDEDVPPASFWRILKLNSTEWPYFVVGIFCAIINGGL
QPAFSVIFSKVVGVFTNGGPPETQRQNSNLFSLLFLILGIISFITFFLQGFTFGKAGEILTKRLRYMVFKSMLRQDVSWF
DDPKNTTGALTTRLANDAAQVKGATGSRLAVIFQNIANLGTGIIISLIYGWQLTLLLLAIVPIIAIAGVVEMKMLSGQAL
KDKKELEGSGKIATEAIENFRTVVSLTREQKFETMYAQSLQIPYRNAMKKAHVFGITFSFTQAMMYFSYAACFRFGAYLV
TQQLMTFENVLLVFSAIVFGAMAVGQVSSFAPDYAKATVSASHIIRIIEKTPEIDSYSTQGLKPNMLEGNVQFSGVVFNY
PTRPSIPVLQGLSLEVKKGQTLALVGSSGCGKSTVVQLLERFYDPMAGSVFLDGKEIKQLNVQWLRAQLGIVSQEPILFD
CSIAENIAYGDNSRVVSYEEIVRAAKEANIHQFIDSLPDKYNTRVGDKGTQLSGGQKQRIAIARALVRQPHILLLDEATS
ALDTESEKVVQEALDKAREGRTCIVIAHRLSTIQNADLIVVIQNGKVKEHGTHQQLLAQKGIYFSMVSVQAGAKRSLEHH
HHHH
;
A
2 'polypeptide(L)' (30F)L(30F)L(30F)L B
#
# COMPACT_ATOMS: atom_id res chain seq x y z
N LYS A 30 -9.39 -19.27 0.68
CA LYS A 30 -9.57 -20.72 0.55
C LYS A 30 -10.95 -21.17 1.03
N PRO A 31 -11.24 -21.03 2.33
CA PRO A 31 -12.49 -21.58 2.87
C PRO A 31 -13.73 -20.92 2.29
N ALA A 32 -14.67 -21.72 1.81
CA ALA A 32 -15.94 -21.21 1.30
C ALA A 32 -17.07 -21.52 2.28
N VAL A 33 -18.29 -21.16 1.87
CA VAL A 33 -19.48 -21.36 2.68
C VAL A 33 -20.54 -22.05 1.83
N SER A 34 -21.45 -22.77 2.49
CA SER A 34 -22.57 -23.39 1.79
C SER A 34 -23.41 -22.32 1.08
N VAL A 35 -23.72 -22.58 -0.17
CA VAL A 35 -24.41 -21.59 -1.01
C VAL A 35 -25.76 -21.17 -0.42
N LEU A 36 -26.45 -22.10 0.24
CA LEU A 36 -27.77 -21.80 0.79
C LEU A 36 -27.67 -21.01 2.09
N THR A 37 -26.63 -21.27 2.88
CA THR A 37 -26.45 -20.58 4.15
C THR A 37 -26.14 -19.11 3.92
N MET A 38 -25.39 -18.83 2.85
CA MET A 38 -25.00 -17.47 2.52
C MET A 38 -26.21 -16.57 2.29
N PHE A 39 -27.25 -17.14 1.70
CA PHE A 39 -28.45 -16.39 1.33
C PHE A 39 -29.53 -16.45 2.41
N ARG A 40 -29.18 -17.00 3.57
CA ARG A 40 -30.13 -17.24 4.65
C ARG A 40 -30.97 -16.01 4.99
N TYR A 41 -30.44 -14.83 4.74
CA TYR A 41 -31.14 -13.58 5.06
C TYR A 41 -32.00 -13.10 3.89
N ALA A 42 -32.06 -13.89 2.83
CA ALA A 42 -32.96 -13.62 1.72
C ALA A 42 -34.23 -14.47 1.83
N GLY A 43 -35.38 -13.81 1.84
CA GLY A 43 -36.65 -14.50 1.90
C GLY A 43 -37.74 -13.66 1.28
N TRP A 44 -38.81 -14.31 0.83
CA TRP A 44 -39.92 -13.62 0.19
C TRP A 44 -39.43 -12.79 -1.00
N LEU A 45 -39.57 -11.48 -0.90
CA LEU A 45 -39.28 -10.56 -2.01
C LEU A 45 -37.87 -10.70 -2.58
N ASP A 46 -36.91 -11.08 -1.76
CA ASP A 46 -35.52 -11.18 -2.19
C ASP A 46 -35.32 -12.29 -3.21
N ARG A 47 -35.80 -13.48 -2.87
CA ARG A 47 -35.71 -14.63 -3.76
C ARG A 47 -36.50 -14.36 -5.04
N LEU A 48 -37.61 -13.64 -4.91
CA LEU A 48 -38.40 -13.22 -6.05
C LEU A 48 -37.58 -12.31 -6.96
N TYR A 49 -36.97 -11.29 -6.36
CA TYR A 49 -36.10 -10.36 -7.07
C TYR A 49 -35.01 -11.12 -7.80
N MET A 50 -34.38 -12.06 -7.09
CA MET A 50 -33.32 -12.85 -7.69
C MET A 50 -33.84 -13.69 -8.85
N LEU A 51 -35.02 -14.29 -8.68
CA LEU A 51 -35.61 -15.09 -9.75
C LEU A 51 -35.93 -14.24 -10.99
N VAL A 52 -36.73 -13.20 -10.80
CA VAL A 52 -37.11 -12.33 -11.92
C VAL A 52 -35.86 -11.68 -12.52
N GLY A 53 -34.91 -11.36 -11.66
CA GLY A 53 -33.68 -10.73 -12.08
C GLY A 53 -32.85 -11.63 -12.95
N THR A 54 -32.59 -12.85 -12.48
CA THR A 54 -31.77 -13.79 -13.22
C THR A 54 -32.50 -14.22 -14.49
N LEU A 55 -33.82 -14.32 -14.41
CA LEU A 55 -34.64 -14.54 -15.60
C LEU A 55 -34.38 -13.47 -16.65
N ALA A 56 -34.70 -12.23 -16.28
CA ALA A 56 -34.46 -11.08 -17.15
C ALA A 56 -33.02 -11.03 -17.64
N ALA A 57 -32.09 -11.43 -16.78
CA ALA A 57 -30.68 -11.47 -17.15
C ALA A 57 -30.44 -12.49 -18.26
N ILE A 58 -30.99 -13.69 -18.09
CA ILE A 58 -30.87 -14.73 -19.10
C ILE A 58 -31.49 -14.26 -20.41
N ILE A 59 -32.63 -13.59 -20.32
CA ILE A 59 -33.24 -12.99 -21.52
C ILE A 59 -32.28 -11.99 -22.17
N HIS A 60 -31.77 -11.05 -21.36
CA HIS A 60 -30.81 -10.06 -21.83
C HIS A 60 -29.65 -10.75 -22.52
N GLY A 61 -29.22 -11.87 -21.96
CA GLY A 61 -28.16 -12.66 -22.56
C GLY A 61 -28.57 -13.21 -23.92
N VAL A 62 -29.71 -13.88 -23.98
CA VAL A 62 -30.21 -14.43 -25.23
C VAL A 62 -30.40 -13.35 -26.29
N ALA A 63 -30.75 -12.14 -25.86
CA ALA A 63 -31.05 -11.04 -26.77
C ALA A 63 -29.98 -10.79 -27.83
N LEU A 64 -28.70 -10.79 -27.45
CA LEU A 64 -27.64 -10.37 -28.36
C LEU A 64 -27.45 -11.34 -29.53
N PRO A 65 -27.26 -12.65 -29.26
CA PRO A 65 -27.01 -13.55 -30.39
C PRO A 65 -28.17 -13.61 -31.39
N LEU A 66 -29.37 -13.24 -30.95
CA LEU A 66 -30.51 -13.14 -31.85
C LEU A 66 -30.32 -11.96 -32.79
N MET A 67 -29.57 -10.96 -32.34
CA MET A 67 -29.28 -9.79 -33.16
C MET A 67 -28.41 -10.17 -34.35
N MET A 68 -27.44 -11.06 -34.11
CA MET A 68 -26.55 -11.52 -35.17
C MET A 68 -27.26 -12.53 -36.06
N LEU A 69 -28.33 -13.13 -35.55
CA LEU A 69 -29.10 -14.06 -36.35
C LEU A 69 -29.84 -13.31 -37.47
N ILE A 70 -30.37 -12.14 -37.12
CA ILE A 70 -31.06 -11.30 -38.09
C ILE A 70 -30.06 -10.72 -39.08
N PHE A 71 -28.85 -10.45 -38.61
CA PHE A 71 -27.82 -9.84 -39.45
C PHE A 71 -27.52 -10.70 -40.68
N GLY A 72 -27.73 -12.00 -40.55
CA GLY A 72 -27.54 -12.90 -41.67
C GLY A 72 -28.68 -12.79 -42.66
N ASP A 73 -29.89 -12.65 -42.12
CA ASP A 73 -31.10 -12.51 -42.94
C ASP A 73 -31.04 -11.24 -43.79
N MET A 74 -30.53 -10.17 -43.21
CA MET A 74 -30.36 -8.92 -43.94
C MET A 74 -29.40 -9.12 -45.09
N THR A 75 -28.31 -9.83 -44.82
CA THR A 75 -27.29 -10.11 -45.84
C THR A 75 -27.91 -10.87 -47.00
N ASP A 76 -28.78 -11.83 -46.69
CA ASP A 76 -29.44 -12.62 -47.71
C ASP A 76 -30.36 -11.77 -48.58
N SER A 77 -31.00 -10.79 -47.98
CA SER A 77 -31.89 -9.88 -48.71
C SER A 77 -31.11 -9.08 -49.75
N PHE A 78 -29.98 -8.52 -49.33
CA PHE A 78 -29.10 -7.79 -50.25
C PHE A 78 -28.40 -8.74 -51.20
N ALA A 79 -28.18 -9.98 -50.75
CA ALA A 79 -27.49 -10.98 -51.57
C ALA A 79 -28.36 -11.43 -52.73
N SER A 80 -29.64 -11.69 -52.45
CA SER A 80 -30.59 -12.08 -53.47
C SER A 80 -30.70 -11.01 -54.54
N VAL A 81 -30.86 -9.77 -54.10
CA VAL A 81 -30.95 -8.62 -55.00
C VAL A 81 -29.60 -8.32 -55.62
N GLY A 82 -28.55 -8.43 -54.82
CA GLY A 82 -27.20 -8.16 -55.28
C GLY A 82 -26.81 -9.05 -56.44
N GLN A 83 -27.28 -10.30 -56.41
CA GLN A 83 -27.03 -11.27 -57.46
C GLN A 83 -27.89 -10.99 -58.68
N VAL A 84 -29.19 -10.79 -58.45
CA VAL A 84 -30.13 -10.55 -59.54
C VAL A 84 -29.84 -9.21 -60.21
N SER A 85 -29.42 -8.23 -59.42
CA SER A 85 -29.13 -6.90 -59.96
C SER A 85 -27.98 -6.96 -60.97
N LYS A 86 -26.94 -7.70 -60.63
CA LYS A 86 -25.74 -7.81 -61.47
C LYS A 86 -25.87 -8.88 -62.54
N GLN A 87 -26.89 -9.73 -62.39
CA GLN A 87 -27.13 -10.83 -63.32
C GLN A 87 -27.85 -10.34 -64.57
N SER A 88 -28.46 -9.16 -64.49
CA SER A 88 -29.29 -8.67 -65.60
C SER A 88 -28.43 -8.17 -66.75
N THR A 89 -27.78 -7.02 -66.55
CA THR A 89 -26.97 -6.38 -67.59
C THR A 89 -27.77 -6.14 -68.86
N GLN A 90 -29.09 -6.06 -68.72
CA GLN A 90 -29.99 -5.83 -69.83
C GLN A 90 -31.01 -4.73 -69.50
N MET A 91 -31.89 -5.04 -68.56
CA MET A 91 -32.95 -4.13 -68.15
C MET A 91 -32.58 -3.40 -66.87
N SER A 92 -32.96 -2.13 -66.80
CA SER A 92 -32.63 -1.28 -65.66
C SER A 92 -33.87 -0.99 -64.81
N GLU A 93 -34.84 -0.31 -65.39
CA GLU A 93 -36.06 0.08 -64.69
C GLU A 93 -36.74 -1.10 -64.01
N ALA A 94 -36.68 -2.27 -64.65
CA ALA A 94 -37.31 -3.47 -64.13
C ALA A 94 -36.73 -3.83 -62.75
N ASP A 95 -35.45 -3.50 -62.55
CA ASP A 95 -34.79 -3.77 -61.29
C ASP A 95 -35.15 -2.72 -60.23
N LYS A 96 -35.86 -1.68 -60.65
CA LYS A 96 -36.26 -0.63 -59.71
C LYS A 96 -37.57 -0.98 -59.00
N ARG A 97 -38.16 -2.11 -59.36
CA ARG A 97 -39.48 -2.50 -58.86
C ARG A 97 -39.41 -3.62 -57.83
N ALA A 98 -39.10 -4.83 -58.29
CA ALA A 98 -39.08 -6.00 -57.43
C ALA A 98 -38.04 -5.87 -56.32
N MET A 99 -36.83 -5.45 -56.71
CA MET A 99 -35.72 -5.31 -55.78
C MET A 99 -36.09 -4.36 -54.64
N PHE A 100 -36.53 -3.15 -55.00
CA PHE A 100 -36.88 -2.13 -54.02
C PHE A 100 -38.04 -2.56 -53.12
N ALA A 101 -38.94 -3.37 -53.66
CA ALA A 101 -40.07 -3.88 -52.89
C ALA A 101 -39.59 -4.91 -51.87
N LYS A 102 -38.76 -5.83 -52.34
CA LYS A 102 -38.14 -6.81 -51.45
C LYS A 102 -37.37 -6.11 -50.34
N LEU A 103 -36.50 -5.18 -50.72
CA LEU A 103 -35.76 -4.39 -49.72
C LEU A 103 -36.74 -3.64 -48.83
N GLU A 104 -37.79 -3.08 -49.41
CA GLU A 104 -38.78 -2.36 -48.62
C GLU A 104 -39.31 -3.25 -47.50
N GLU A 105 -40.01 -4.32 -47.86
CA GLU A 105 -40.64 -5.18 -46.86
C GLU A 105 -39.60 -5.78 -45.92
N GLU A 106 -38.53 -6.32 -46.48
CA GLU A 106 -37.50 -6.99 -45.69
C GLU A 106 -36.84 -6.02 -44.71
N MET A 107 -36.27 -4.93 -45.23
CA MET A 107 -35.59 -3.96 -44.38
C MET A 107 -36.54 -3.39 -43.32
N THR A 108 -37.79 -3.10 -43.72
CA THR A 108 -38.77 -2.63 -42.74
C THR A 108 -38.96 -3.67 -41.63
N THR A 109 -39.12 -4.92 -42.02
CA THR A 109 -39.28 -6.02 -41.06
C THR A 109 -38.08 -6.08 -40.09
N TYR A 110 -36.88 -6.14 -40.65
CA TYR A 110 -35.67 -6.24 -39.84
C TYR A 110 -35.50 -5.04 -38.90
N ALA A 111 -35.73 -3.84 -39.42
CA ALA A 111 -35.64 -2.63 -38.61
C ALA A 111 -36.65 -2.68 -37.47
N TYR A 112 -37.88 -3.09 -37.80
CA TYR A 112 -38.92 -3.27 -36.80
C TYR A 112 -38.46 -4.24 -35.71
N TYR A 113 -37.91 -5.38 -36.11
CA TYR A 113 -37.37 -6.34 -35.16
C TYR A 113 -36.31 -5.71 -34.26
N TYR A 114 -35.30 -5.07 -34.85
CA TYR A 114 -34.25 -4.41 -34.08
C TYR A 114 -34.84 -3.47 -33.04
N THR A 115 -35.71 -2.56 -33.50
CA THR A 115 -36.41 -1.64 -32.62
C THR A 115 -37.11 -2.44 -31.52
N GLY A 116 -37.64 -3.60 -31.90
CA GLY A 116 -38.20 -4.53 -30.93
C GLY A 116 -37.19 -4.97 -29.88
N ILE A 117 -36.02 -5.41 -30.32
CA ILE A 117 -34.99 -5.90 -29.40
C ILE A 117 -34.55 -4.80 -28.42
N GLY A 118 -34.42 -3.57 -28.92
CA GLY A 118 -34.00 -2.46 -28.08
C GLY A 118 -34.79 -2.27 -26.80
N ALA A 119 -36.12 -2.19 -26.93
CA ALA A 119 -36.98 -2.06 -25.76
C ALA A 119 -36.77 -3.23 -24.82
N GLY A 120 -36.61 -4.42 -25.40
CA GLY A 120 -36.40 -5.63 -24.63
C GLY A 120 -35.16 -5.51 -23.78
N VAL A 121 -34.01 -5.26 -24.40
CA VAL A 121 -32.76 -5.17 -23.66
C VAL A 121 -32.84 -4.06 -22.63
N LEU A 122 -33.48 -2.94 -22.97
CA LEU A 122 -33.73 -1.86 -22.01
C LEU A 122 -34.42 -2.40 -20.75
N ILE A 123 -35.62 -2.93 -20.93
CA ILE A 123 -36.40 -3.45 -19.81
C ILE A 123 -35.64 -4.50 -19.02
N VAL A 124 -35.18 -5.56 -19.69
CA VAL A 124 -34.55 -6.66 -18.98
C VAL A 124 -33.28 -6.21 -18.27
N ALA A 125 -32.51 -5.32 -18.90
CA ALA A 125 -31.33 -4.77 -18.25
C ALA A 125 -31.72 -4.09 -16.95
N TYR A 126 -32.67 -3.16 -17.04
CA TYR A 126 -33.11 -2.45 -15.85
C TYR A 126 -33.55 -3.43 -14.76
N ILE A 127 -34.46 -4.34 -15.11
CA ILE A 127 -34.95 -5.34 -14.18
C ILE A 127 -33.81 -6.07 -13.50
N GLN A 128 -32.94 -6.64 -14.32
CA GLN A 128 -31.76 -7.37 -13.86
C GLN A 128 -31.00 -6.58 -12.80
N VAL A 129 -30.39 -5.48 -13.22
CA VAL A 129 -29.49 -4.75 -12.35
C VAL A 129 -30.23 -4.26 -11.12
N SER A 130 -31.41 -3.67 -11.33
CA SER A 130 -32.18 -3.10 -10.23
C SER A 130 -32.51 -4.17 -9.18
N PHE A 131 -33.17 -5.24 -9.62
CA PHE A 131 -33.57 -6.30 -8.71
C PHE A 131 -32.39 -6.88 -7.95
N TRP A 132 -31.33 -7.26 -8.66
CA TRP A 132 -30.20 -7.87 -7.98
C TRP A 132 -29.54 -6.90 -6.99
N CYS A 133 -29.34 -5.64 -7.38
CA CYS A 133 -28.77 -4.67 -6.46
C CYS A 133 -29.68 -4.50 -5.24
N LEU A 134 -30.98 -4.47 -5.47
CA LEU A 134 -31.96 -4.38 -4.38
C LEU A 134 -31.79 -5.52 -3.38
N ALA A 135 -31.88 -6.74 -3.87
CA ALA A 135 -31.69 -7.92 -3.03
C ALA A 135 -30.38 -7.82 -2.25
N ALA A 136 -29.31 -7.48 -2.97
CA ALA A 136 -28.01 -7.31 -2.35
C ALA A 136 -28.08 -6.36 -1.15
N GLY A 137 -28.58 -5.15 -1.38
CA GLY A 137 -28.69 -4.17 -0.31
C GLY A 137 -29.50 -4.69 0.86
N ARG A 138 -30.71 -5.13 0.56
CA ARG A 138 -31.62 -5.62 1.59
C ARG A 138 -30.96 -6.68 2.45
N GLN A 139 -30.19 -7.57 1.84
CA GLN A 139 -29.45 -8.57 2.60
C GLN A 139 -28.29 -7.98 3.41
N ILE A 140 -27.42 -7.24 2.75
CA ILE A 140 -26.23 -6.70 3.42
C ILE A 140 -26.60 -5.88 4.66
N HIS A 141 -27.72 -5.17 4.61
CA HIS A 141 -28.22 -4.46 5.79
C HIS A 141 -28.32 -5.41 6.98
N LYS A 142 -29.08 -6.49 6.77
CA LYS A 142 -29.28 -7.50 7.79
C LYS A 142 -27.95 -8.10 8.23
N ILE A 143 -27.09 -8.43 7.25
CA ILE A 143 -25.78 -8.98 7.55
C ILE A 143 -25.05 -8.07 8.54
N ARG A 144 -24.98 -6.79 8.21
CA ARG A 144 -24.30 -5.83 9.07
C ARG A 144 -24.88 -5.81 10.47
N GLN A 145 -26.19 -5.60 10.58
CA GLN A 145 -26.82 -5.54 11.89
C GLN A 145 -26.55 -6.80 12.73
N LYS A 146 -26.88 -7.97 12.15
CA LYS A 146 -26.66 -9.25 12.82
C LYS A 146 -25.20 -9.41 13.22
N PHE A 147 -24.30 -9.06 12.33
CA PHE A 147 -22.88 -9.23 12.59
C PHE A 147 -22.43 -8.37 13.76
N PHE A 148 -22.77 -7.08 13.74
CA PHE A 148 -22.36 -6.22 14.85
C PHE A 148 -22.96 -6.72 16.16
N HIS A 149 -24.23 -7.08 16.14
CA HIS A 149 -24.83 -7.67 17.34
C HIS A 149 -23.99 -8.85 17.83
N ALA A 150 -23.65 -9.73 16.89
CA ALA A 150 -22.81 -10.88 17.21
C ALA A 150 -21.48 -10.46 17.81
N ILE A 151 -20.88 -9.39 17.29
CA ILE A 151 -19.66 -8.86 17.90
C ILE A 151 -19.92 -8.47 19.35
N MET A 152 -20.96 -7.66 19.57
CA MET A 152 -21.26 -7.17 20.90
C MET A 152 -21.61 -8.31 21.86
N ASN A 153 -22.13 -9.41 21.32
CA ASN A 153 -22.61 -10.51 22.17
C ASN A 153 -21.51 -11.45 22.65
N GLN A 154 -20.30 -11.27 22.14
CA GLN A 154 -19.18 -12.14 22.50
C GLN A 154 -18.73 -11.85 23.93
N GLU A 155 -18.34 -12.89 24.65
CA GLU A 155 -17.80 -12.74 25.98
C GLU A 155 -16.33 -12.31 25.90
N ILE A 156 -15.86 -11.63 26.94
CA ILE A 156 -14.54 -11.01 26.94
C ILE A 156 -13.41 -12.00 26.65
N GLY A 157 -13.57 -13.23 27.15
CA GLY A 157 -12.62 -14.28 26.88
C GLY A 157 -12.41 -14.48 25.39
N TRP A 158 -13.43 -14.12 24.62
CA TRP A 158 -13.37 -14.23 23.17
C TRP A 158 -12.59 -13.07 22.56
N PHE A 159 -12.67 -11.90 23.21
CA PHE A 159 -11.92 -10.73 22.76
C PHE A 159 -10.43 -10.86 23.13
N ASP A 160 -10.16 -11.39 24.31
CA ASP A 160 -8.79 -11.54 24.78
C ASP A 160 -7.92 -12.30 23.78
N VAL A 161 -8.53 -13.24 23.06
CA VAL A 161 -7.79 -14.11 22.14
C VAL A 161 -7.78 -13.61 20.69
N HIS A 162 -8.39 -12.44 20.46
CA HIS A 162 -8.50 -11.88 19.11
C HIS A 162 -8.06 -10.42 19.02
N ASP A 163 -7.65 -10.00 17.82
CA ASP A 163 -7.32 -8.61 17.55
C ASP A 163 -8.58 -7.85 17.16
N VAL A 164 -8.87 -6.77 17.88
CA VAL A 164 -10.06 -5.97 17.63
C VAL A 164 -9.95 -5.19 16.33
N GLY A 165 -8.75 -4.71 16.02
CA GLY A 165 -8.51 -3.98 14.79
C GLY A 165 -8.84 -4.83 13.59
N GLU A 166 -8.24 -6.01 13.53
CA GLU A 166 -8.50 -6.97 12.47
C GLU A 166 -9.98 -7.27 12.37
N LEU A 167 -10.66 -7.27 13.52
CA LEU A 167 -12.07 -7.62 13.59
C LEU A 167 -12.96 -6.52 13.05
N ASN A 168 -12.67 -5.28 13.40
CA ASN A 168 -13.42 -4.16 12.86
C ASN A 168 -13.17 -4.02 11.35
N THR A 169 -11.89 -4.12 10.97
CA THR A 169 -11.53 -4.07 9.56
C THR A 169 -12.15 -5.26 8.84
N ARG A 170 -12.23 -6.39 9.54
CA ARG A 170 -12.88 -7.58 9.00
C ARG A 170 -14.33 -7.29 8.73
N LEU A 171 -15.01 -6.66 9.69
CA LEU A 171 -16.38 -6.21 9.48
C LEU A 171 -16.47 -5.39 8.20
N THR A 172 -15.87 -4.21 8.25
CA THR A 172 -16.03 -3.22 7.19
C THR A 172 -15.63 -3.73 5.80
N ASP A 173 -14.55 -4.50 5.74
CA ASP A 173 -14.10 -5.05 4.46
C ASP A 173 -14.92 -6.28 4.01
N ASP A 174 -15.10 -7.24 4.91
CA ASP A 174 -15.73 -8.50 4.51
C ASP A 174 -17.17 -8.27 4.08
N VAL A 175 -17.91 -7.44 4.81
CA VAL A 175 -19.31 -7.23 4.43
C VAL A 175 -19.35 -6.64 3.02
N SER A 176 -18.39 -5.76 2.69
CA SER A 176 -18.30 -5.20 1.36
C SER A 176 -18.01 -6.29 0.34
N LYS A 177 -17.07 -7.18 0.65
CA LYS A 177 -16.81 -8.32 -0.23
C LYS A 177 -18.09 -9.10 -0.51
N ILE A 178 -18.79 -9.45 0.55
CA ILE A 178 -20.07 -10.15 0.43
C ILE A 178 -21.00 -9.38 -0.51
N ASN A 179 -21.12 -8.07 -0.28
CA ASN A 179 -21.97 -7.24 -1.14
C ASN A 179 -21.54 -7.32 -2.60
N GLU A 180 -20.23 -7.28 -2.85
CA GLU A 180 -19.73 -7.44 -4.21
C GLU A 180 -20.13 -8.79 -4.79
N GLY A 181 -20.13 -9.81 -3.93
CA GLY A 181 -20.52 -11.16 -4.33
C GLY A 181 -22.00 -11.40 -4.62
N ILE A 182 -22.88 -10.91 -3.77
CA ILE A 182 -24.31 -11.14 -3.95
C ILE A 182 -24.96 -10.06 -4.82
N GLY A 183 -24.15 -9.17 -5.37
CA GLY A 183 -24.65 -8.05 -6.14
C GLY A 183 -25.08 -8.41 -7.55
N ASP A 184 -25.11 -7.41 -8.42
CA ASP A 184 -25.53 -7.59 -9.80
C ASP A 184 -24.57 -8.46 -10.61
N LYS A 185 -23.41 -8.76 -10.05
CA LYS A 185 -22.42 -9.61 -10.70
C LYS A 185 -23.03 -10.95 -11.13
N ILE A 186 -23.91 -11.49 -10.28
CA ILE A 186 -24.59 -12.74 -10.58
C ILE A 186 -25.40 -12.59 -11.87
N GLY A 187 -26.16 -11.51 -11.96
CA GLY A 187 -26.94 -11.22 -13.15
C GLY A 187 -26.07 -11.21 -14.38
N MET A 188 -24.91 -10.56 -14.26
CA MET A 188 -23.96 -10.51 -15.36
C MET A 188 -23.47 -11.92 -15.70
N PHE A 189 -23.21 -12.72 -14.67
CA PHE A 189 -22.78 -14.09 -14.87
C PHE A 189 -23.81 -14.90 -15.65
N PHE A 190 -25.05 -14.91 -15.18
CA PHE A 190 -26.10 -15.68 -15.86
C PHE A 190 -26.38 -15.12 -17.25
N GLN A 191 -26.35 -13.80 -17.40
CA GLN A 191 -26.47 -13.17 -18.70
C GLN A 191 -25.37 -13.66 -19.63
N ALA A 192 -24.15 -13.74 -19.12
CA ALA A 192 -23.01 -14.21 -19.90
C ALA A 192 -23.21 -15.67 -20.30
N MET A 193 -23.55 -16.51 -19.34
CA MET A 193 -23.83 -17.91 -19.64
C MET A 193 -24.96 -18.03 -20.66
N ALA A 194 -25.91 -17.11 -20.57
CA ALA A 194 -27.02 -17.08 -21.50
C ALA A 194 -26.55 -16.71 -22.91
N THR A 195 -25.66 -15.72 -23.03
CA THR A 195 -25.06 -15.41 -24.32
C THR A 195 -24.25 -16.58 -24.84
N PHE A 196 -23.58 -17.27 -23.92
CA PHE A 196 -22.77 -18.45 -24.27
C PHE A 196 -23.62 -19.55 -24.90
N PHE A 197 -24.62 -20.03 -24.15
CA PHE A 197 -25.54 -21.04 -24.66
C PHE A 197 -26.28 -20.52 -25.88
N GLY A 198 -26.95 -19.38 -25.74
CA GLY A 198 -27.70 -18.79 -26.83
C GLY A 198 -26.85 -18.59 -28.07
N GLY A 199 -25.58 -18.30 -27.88
CA GLY A 199 -24.66 -18.13 -29.00
C GLY A 199 -24.35 -19.46 -29.66
N PHE A 200 -23.93 -20.43 -28.87
CA PHE A 200 -23.57 -21.73 -29.42
C PHE A 200 -24.77 -22.50 -29.98
N ILE A 201 -25.96 -22.22 -29.46
CA ILE A 201 -27.17 -22.87 -29.95
C ILE A 201 -27.44 -22.45 -31.39
N ILE A 202 -27.52 -21.14 -31.63
CA ILE A 202 -27.68 -20.62 -32.97
C ILE A 202 -26.50 -21.08 -33.82
N GLY A 203 -25.31 -20.97 -33.23
CA GLY A 203 -24.09 -21.42 -33.90
C GLY A 203 -24.21 -22.82 -34.44
N PHE A 204 -24.71 -23.74 -33.62
CA PHE A 204 -24.88 -25.13 -34.05
C PHE A 204 -26.06 -25.30 -35.01
N THR A 205 -27.22 -24.77 -34.66
CA THR A 205 -28.43 -25.03 -35.43
C THR A 205 -28.38 -24.42 -36.84
N ARG A 206 -27.74 -23.26 -36.99
CA ARG A 206 -27.60 -22.69 -38.32
C ARG A 206 -26.64 -23.55 -39.14
N GLY A 207 -25.58 -24.06 -38.51
CA GLY A 207 -24.79 -25.12 -39.09
C GLY A 207 -23.80 -25.73 -38.12
N TRP A 208 -23.51 -27.02 -38.30
CA TRP A 208 -22.63 -27.76 -37.40
C TRP A 208 -21.14 -27.62 -37.73
N LYS A 209 -20.81 -27.58 -39.02
CA LYS A 209 -19.42 -27.67 -39.46
C LYS A 209 -18.54 -26.55 -38.94
N LEU A 210 -18.91 -25.31 -39.27
CA LEU A 210 -18.07 -24.15 -38.96
C LEU A 210 -17.77 -24.10 -37.46
N THR A 211 -18.76 -24.40 -36.63
CA THR A 211 -18.57 -24.44 -35.20
C THR A 211 -17.38 -25.34 -34.88
N LEU A 212 -17.52 -26.62 -35.19
CA LEU A 212 -16.45 -27.60 -34.96
C LEU A 212 -15.11 -27.12 -35.54
N VAL A 213 -15.17 -26.49 -36.71
CA VAL A 213 -13.95 -25.96 -37.32
C VAL A 213 -13.34 -24.84 -36.48
N ILE A 214 -14.19 -24.03 -35.83
CA ILE A 214 -13.72 -22.97 -34.94
C ILE A 214 -13.19 -23.54 -33.64
N LEU A 215 -13.89 -24.51 -33.08
CA LEU A 215 -13.52 -25.05 -31.78
C LEU A 215 -12.15 -25.73 -31.84
N ALA A 216 -11.61 -25.92 -33.04
CA ALA A 216 -10.24 -26.41 -33.21
C ALA A 216 -9.20 -25.29 -33.09
N ILE A 217 -9.48 -24.14 -33.70
CA ILE A 217 -8.56 -23.01 -33.61
C ILE A 217 -8.70 -22.36 -32.23
N SER A 218 -9.81 -22.64 -31.55
CA SER A 218 -9.96 -22.20 -30.16
C SER A 218 -8.77 -22.60 -29.27
N PRO A 219 -8.42 -23.90 -29.21
CA PRO A 219 -7.18 -24.25 -28.51
C PRO A 219 -5.93 -23.59 -29.08
N VAL A 220 -5.77 -23.61 -30.40
CA VAL A 220 -4.60 -23.02 -31.06
C VAL A 220 -4.39 -21.60 -30.55
N LEU A 221 -5.50 -20.91 -30.32
CA LEU A 221 -5.47 -19.58 -29.73
C LEU A 221 -5.01 -19.66 -28.28
N GLY A 222 -5.44 -20.71 -27.59
CA GLY A 222 -5.09 -20.90 -26.20
C GLY A 222 -3.62 -21.16 -25.99
N LEU A 223 -2.99 -21.88 -26.92
CA LEU A 223 -1.57 -22.19 -26.83
C LEU A 223 -0.71 -20.93 -26.93
N SER A 224 -1.08 -20.03 -27.82
CA SER A 224 -0.32 -18.80 -28.03
C SER A 224 -0.36 -17.89 -26.81
N ALA A 225 -1.52 -17.84 -26.14
CA ALA A 225 -1.68 -17.04 -24.95
C ALA A 225 -0.81 -17.58 -23.82
N GLY A 226 -0.73 -18.90 -23.73
CA GLY A 226 0.10 -19.56 -22.74
C GLY A 226 1.57 -19.23 -22.96
N ILE A 227 2.03 -19.37 -24.20
CA ILE A 227 3.41 -19.05 -24.55
C ILE A 227 3.73 -17.61 -24.16
N TRP A 228 2.80 -16.71 -24.44
CA TRP A 228 3.00 -15.29 -24.14
C TRP A 228 3.11 -15.05 -22.64
N ALA A 229 2.38 -15.86 -21.86
CA ALA A 229 2.42 -15.76 -20.41
C ALA A 229 3.75 -16.25 -19.87
N LYS A 230 4.26 -17.33 -20.45
CA LYS A 230 5.54 -17.90 -20.05
C LYS A 230 6.68 -16.93 -20.32
N ILE A 231 6.55 -16.14 -21.39
CA ILE A 231 7.57 -15.18 -21.77
C ILE A 231 7.56 -13.98 -20.83
N LEU A 232 6.38 -13.57 -20.39
CA LEU A 232 6.25 -12.47 -19.43
C LEU A 232 6.83 -12.87 -18.08
N SER A 233 6.68 -14.13 -17.71
CA SER A 233 7.16 -14.62 -16.42
C SER A 233 8.69 -14.68 -16.38
N SER A 234 9.30 -14.91 -17.53
CA SER A 234 10.75 -15.05 -17.62
C SER A 234 11.48 -13.75 -17.29
N PHE A 235 11.11 -12.67 -17.96
CA PHE A 235 11.84 -11.42 -17.85
C PHE A 235 11.56 -10.68 -16.56
N THR A 236 10.41 -10.93 -15.94
CA THR A 236 10.11 -10.34 -14.64
C THR A 236 11.21 -10.71 -13.65
N ASP A 237 11.52 -12.01 -13.58
CA ASP A 237 12.55 -12.50 -12.66
C ASP A 237 13.93 -12.00 -13.06
N LYS A 238 14.24 -12.06 -14.35
CA LYS A 238 15.55 -11.62 -14.84
C LYS A 238 15.73 -10.12 -14.67
N GLU A 239 14.65 -9.37 -14.81
CA GLU A 239 14.70 -7.91 -14.65
C GLU A 239 15.02 -7.55 -13.20
N LEU A 240 14.40 -8.27 -12.26
CA LEU A 240 14.67 -8.05 -10.85
C LEU A 240 16.13 -8.35 -10.55
N HIS A 241 16.65 -9.41 -11.15
CA HIS A 241 18.06 -9.77 -11.01
C HIS A 241 18.95 -8.73 -11.70
N ALA A 242 18.49 -8.23 -12.84
CA ALA A 242 19.32 -7.37 -13.70
C ALA A 242 19.58 -6.01 -13.08
N TYR A 243 18.53 -5.34 -12.61
CA TYR A 243 18.70 -4.02 -12.02
C TYR A 243 19.28 -4.11 -10.62
N ALA A 244 18.96 -5.19 -9.91
CA ALA A 244 19.49 -5.39 -8.55
C ALA A 244 21.01 -5.41 -8.55
N LYS A 245 21.60 -5.64 -9.72
CA LYS A 245 23.04 -5.53 -9.90
C LYS A 245 23.47 -4.08 -9.78
N ALA A 246 22.70 -3.19 -10.39
CA ALA A 246 22.96 -1.75 -10.29
C ALA A 246 22.46 -1.21 -8.95
N GLY A 247 21.28 -1.66 -8.55
CA GLY A 247 20.68 -1.20 -7.31
C GLY A 247 21.48 -1.56 -6.09
N ALA A 248 22.25 -2.65 -6.17
CA ALA A 248 23.12 -3.05 -5.08
C ALA A 248 24.31 -2.10 -4.97
N VAL A 249 24.87 -1.75 -6.13
CA VAL A 249 25.97 -0.79 -6.17
C VAL A 249 25.47 0.55 -5.64
N ALA A 250 24.32 0.98 -6.13
CA ALA A 250 23.74 2.25 -5.72
C ALA A 250 23.48 2.30 -4.22
N GLU A 251 23.11 1.17 -3.62
CA GLU A 251 22.78 1.14 -2.21
C GLU A 251 24.01 1.17 -1.32
N GLU A 252 25.05 0.43 -1.68
CA GLU A 252 26.27 0.40 -0.86
C GLU A 252 27.01 1.73 -0.98
N VAL A 253 26.97 2.33 -2.17
CA VAL A 253 27.57 3.63 -2.41
C VAL A 253 26.87 4.70 -1.57
N LEU A 254 25.56 4.83 -1.74
CA LEU A 254 24.80 5.88 -1.07
C LEU A 254 24.84 5.68 0.45
N ALA A 255 24.96 4.42 0.89
CA ALA A 255 25.09 4.12 2.31
C ALA A 255 26.49 4.44 2.81
N ALA A 256 27.45 4.38 1.89
CA ALA A 256 28.85 4.69 2.17
C ALA A 256 29.20 6.14 1.84
N ILE A 257 28.19 6.95 1.51
CA ILE A 257 28.37 8.26 0.88
C ILE A 257 29.47 9.11 1.51
N ARG A 258 29.60 9.08 2.83
CA ARG A 258 30.59 9.91 3.51
C ARG A 258 32.01 9.40 3.29
N THR A 259 32.15 8.11 3.03
CA THR A 259 33.47 7.53 2.79
C THR A 259 33.92 7.78 1.35
N VAL A 260 32.98 7.72 0.41
CA VAL A 260 33.29 8.00 -0.98
C VAL A 260 33.50 9.50 -1.17
N ILE A 261 32.79 10.31 -0.37
CA ILE A 261 32.98 11.75 -0.38
C ILE A 261 34.35 12.10 0.20
N ALA A 262 34.69 11.47 1.32
CA ALA A 262 35.96 11.70 1.98
C ALA A 262 37.13 11.30 1.09
N PHE A 263 37.00 10.15 0.43
CA PHE A 263 38.05 9.64 -0.45
C PHE A 263 37.80 10.02 -1.91
N GLY A 264 36.72 10.74 -2.16
CA GLY A 264 36.45 11.32 -3.46
C GLY A 264 36.50 10.33 -4.61
N GLY A 265 35.91 9.16 -4.42
CA GLY A 265 35.86 8.15 -5.46
C GLY A 265 34.60 8.24 -6.28
N GLN A 266 33.96 9.41 -6.27
CA GLN A 266 32.67 9.61 -6.94
C GLN A 266 32.69 9.17 -8.40
N LYS A 267 33.73 9.56 -9.12
CA LYS A 267 33.87 9.18 -10.52
C LYS A 267 33.81 7.66 -10.68
N LYS A 268 34.55 6.94 -9.83
CA LYS A 268 34.57 5.48 -9.89
C LYS A 268 33.18 4.89 -9.67
N GLU A 269 32.50 5.34 -8.63
CA GLU A 269 31.17 4.82 -8.32
C GLU A 269 30.21 5.10 -9.48
N LEU A 270 30.30 6.31 -10.02
CA LEU A 270 29.51 6.68 -11.19
C LEU A 270 29.82 5.76 -12.37
N GLU A 271 31.11 5.48 -12.56
CA GLU A 271 31.55 4.56 -13.61
C GLU A 271 30.91 3.19 -13.43
N ARG A 272 31.03 2.63 -12.23
CA ARG A 272 30.43 1.33 -11.93
C ARG A 272 28.93 1.32 -12.23
N TYR A 273 28.21 2.31 -11.68
CA TYR A 273 26.78 2.41 -11.92
C TYR A 273 26.48 2.47 -13.41
N ASN A 274 27.27 3.27 -14.14
CA ASN A 274 27.10 3.37 -15.58
C ASN A 274 27.31 2.03 -16.28
N ASN A 275 28.32 1.27 -15.85
CA ASN A 275 28.53 -0.06 -16.40
C ASN A 275 27.33 -0.97 -16.18
N ASN A 276 26.88 -1.07 -14.93
CA ASN A 276 25.71 -1.89 -14.62
C ASN A 276 24.51 -1.47 -15.46
N LEU A 277 24.29 -0.16 -15.59
CA LEU A 277 23.26 0.35 -16.48
C LEU A 277 23.48 -0.15 -17.91
N GLU A 278 24.73 -0.07 -18.35
CA GLU A 278 25.10 -0.51 -19.70
C GLU A 278 24.64 -1.94 -19.93
N GLU A 279 24.89 -2.81 -18.95
CA GLU A 279 24.39 -4.19 -19.03
C GLU A 279 22.86 -4.24 -19.06
N ALA A 280 22.25 -3.54 -18.11
CA ALA A 280 20.80 -3.52 -17.98
C ALA A 280 20.11 -3.18 -19.29
N LYS A 281 20.62 -2.17 -19.99
CA LYS A 281 20.00 -1.74 -21.24
C LYS A 281 20.09 -2.81 -22.32
N ARG A 282 21.21 -3.53 -22.37
CA ARG A 282 21.36 -4.63 -23.30
C ARG A 282 20.33 -5.72 -23.02
N LEU A 283 20.24 -6.10 -21.75
CA LEU A 283 19.21 -7.06 -21.35
C LEU A 283 17.83 -6.51 -21.71
N GLY A 284 17.70 -5.19 -21.60
CA GLY A 284 16.46 -4.51 -21.96
C GLY A 284 16.10 -4.58 -23.44
N ILE A 285 17.08 -4.35 -24.31
CA ILE A 285 16.79 -4.44 -25.73
C ILE A 285 16.50 -5.90 -26.11
N LYS A 286 17.21 -6.85 -25.52
CA LYS A 286 16.88 -8.27 -25.76
C LYS A 286 15.44 -8.57 -25.36
N LYS A 287 15.08 -8.12 -24.15
CA LYS A 287 13.72 -8.16 -23.63
C LYS A 287 12.73 -7.68 -24.68
N ALA A 288 12.92 -6.42 -25.09
CA ALA A 288 12.08 -5.81 -26.12
C ALA A 288 11.97 -6.67 -27.38
N ILE A 289 13.12 -7.07 -27.93
CA ILE A 289 13.14 -7.88 -29.16
C ILE A 289 12.26 -9.10 -29.04
N THR A 290 12.51 -9.91 -28.02
CA THR A 290 11.76 -11.15 -27.85
C THR A 290 10.27 -10.85 -27.66
N ALA A 291 9.96 -9.95 -26.73
CA ALA A 291 8.57 -9.62 -26.43
C ALA A 291 7.83 -9.21 -27.70
N ASN A 292 8.44 -8.32 -28.48
CA ASN A 292 7.84 -7.85 -29.72
C ASN A 292 7.64 -8.97 -30.75
N ILE A 293 8.68 -9.78 -30.96
CA ILE A 293 8.55 -10.95 -31.83
C ILE A 293 7.35 -11.80 -31.44
N SER A 294 7.26 -12.11 -30.15
CA SER A 294 6.17 -12.93 -29.64
C SER A 294 4.81 -12.30 -29.90
N MET A 295 4.62 -11.05 -29.48
CA MET A 295 3.37 -10.35 -29.73
C MET A 295 2.99 -10.42 -31.21
N GLY A 296 3.94 -10.09 -32.07
CA GLY A 296 3.72 -10.17 -33.50
C GLY A 296 3.27 -11.54 -33.94
N ALA A 297 3.96 -12.57 -33.46
CA ALA A 297 3.60 -13.95 -33.77
C ALA A 297 2.16 -14.27 -33.36
N ALA A 298 1.80 -13.90 -32.14
CA ALA A 298 0.43 -14.11 -31.65
C ALA A 298 -0.57 -13.45 -32.59
N PHE A 299 -0.36 -12.16 -32.87
CA PHE A 299 -1.22 -11.44 -33.80
C PHE A 299 -1.34 -12.19 -35.12
N LEU A 300 -0.21 -12.65 -35.66
CA LEU A 300 -0.21 -13.44 -36.89
C LEU A 300 -1.07 -14.70 -36.78
N LEU A 301 -0.91 -15.46 -35.71
CA LEU A 301 -1.72 -16.67 -35.53
C LEU A 301 -3.21 -16.35 -35.48
N ILE A 302 -3.58 -15.30 -34.76
CA ILE A 302 -4.97 -14.85 -34.74
C ILE A 302 -5.51 -14.50 -36.14
N TYR A 303 -4.75 -13.67 -36.85
CA TYR A 303 -5.06 -13.33 -38.24
C TYR A 303 -5.29 -14.59 -39.07
N ALA A 304 -4.29 -15.46 -39.04
CA ALA A 304 -4.28 -16.68 -39.84
C ALA A 304 -5.50 -17.55 -39.54
N SER A 305 -5.72 -17.82 -38.26
CA SER A 305 -6.81 -18.70 -37.85
C SER A 305 -8.17 -18.18 -38.30
N TYR A 306 -8.45 -16.90 -38.02
CA TYR A 306 -9.75 -16.35 -38.41
C TYR A 306 -9.90 -16.26 -39.94
N ALA A 307 -8.86 -15.78 -40.62
CA ALA A 307 -8.88 -15.73 -42.08
C ALA A 307 -9.11 -17.12 -42.64
N LEU A 308 -8.48 -18.11 -42.03
CA LEU A 308 -8.59 -19.50 -42.46
C LEU A 308 -10.02 -20.00 -42.28
N ALA A 309 -10.58 -19.74 -41.10
CA ALA A 309 -11.96 -20.10 -40.81
C ALA A 309 -12.90 -19.50 -41.85
N PHE A 310 -12.75 -18.20 -42.10
CA PHE A 310 -13.58 -17.53 -43.08
C PHE A 310 -13.39 -18.11 -44.49
N TRP A 311 -12.14 -18.41 -44.85
CA TRP A 311 -11.88 -19.05 -46.13
C TRP A 311 -12.63 -20.36 -46.24
N TYR A 312 -12.55 -21.18 -45.18
CA TYR A 312 -13.30 -22.42 -45.13
C TYR A 312 -14.80 -22.12 -45.27
N GLY A 313 -15.24 -21.04 -44.63
CA GLY A 313 -16.61 -20.60 -44.78
C GLY A 313 -16.96 -20.42 -46.25
N THR A 314 -16.21 -19.56 -46.94
CA THR A 314 -16.44 -19.33 -48.36
C THR A 314 -16.41 -20.64 -49.14
N SER A 315 -15.46 -21.50 -48.79
CA SER A 315 -15.35 -22.81 -49.44
C SER A 315 -16.62 -23.61 -49.24
N LEU A 316 -17.27 -23.43 -48.08
CA LEU A 316 -18.58 -24.03 -47.87
C LEU A 316 -19.70 -23.27 -48.59
N VAL A 317 -19.58 -21.96 -48.75
CA VAL A 317 -20.62 -21.22 -49.46
C VAL A 317 -20.61 -21.52 -50.97
N ILE A 318 -19.43 -21.66 -51.56
CA ILE A 318 -19.34 -21.92 -53.01
C ILE A 318 -19.99 -23.24 -53.38
N SER A 319 -19.99 -24.18 -52.42
CA SER A 319 -20.68 -25.45 -52.60
C SER A 319 -22.19 -25.27 -52.52
N LYS A 320 -22.61 -24.05 -52.19
CA LYS A 320 -24.02 -23.72 -52.02
C LYS A 320 -24.60 -24.51 -50.85
N GLU A 321 -23.72 -24.91 -49.93
CA GLU A 321 -24.12 -25.60 -48.71
C GLU A 321 -24.62 -24.61 -47.64
N TYR A 322 -23.99 -23.44 -47.61
CA TYR A 322 -24.36 -22.37 -46.68
C TYR A 322 -24.72 -21.09 -47.42
N SER A 323 -25.47 -20.22 -46.74
CA SER A 323 -25.74 -18.87 -47.23
C SER A 323 -24.65 -17.93 -46.77
N ILE A 324 -24.29 -16.96 -47.61
CA ILE A 324 -23.26 -15.99 -47.27
C ILE A 324 -23.55 -15.31 -45.93
N GLY A 325 -24.83 -15.11 -45.64
CA GLY A 325 -25.26 -14.52 -44.38
C GLY A 325 -25.16 -15.48 -43.21
N GLN A 326 -25.50 -16.74 -43.46
CA GLN A 326 -25.44 -17.78 -42.43
C GLN A 326 -24.04 -17.92 -41.85
N VAL A 327 -23.04 -17.87 -42.73
CA VAL A 327 -21.65 -17.91 -42.33
C VAL A 327 -21.40 -16.84 -41.28
N LEU A 328 -21.77 -15.60 -41.61
CA LEU A 328 -21.65 -14.48 -40.69
C LEU A 328 -22.38 -14.79 -39.40
N THR A 329 -23.64 -15.23 -39.51
CA THR A 329 -24.45 -15.54 -38.35
C THR A 329 -23.74 -16.49 -37.38
N VAL A 330 -23.32 -17.64 -37.89
CA VAL A 330 -22.69 -18.64 -37.03
C VAL A 330 -21.33 -18.19 -36.55
N PHE A 331 -20.57 -17.54 -37.43
CA PHE A 331 -19.24 -17.05 -37.08
C PHE A 331 -19.32 -16.11 -35.90
N PHE A 332 -20.10 -15.05 -36.08
CA PHE A 332 -20.25 -14.03 -35.06
C PHE A 332 -20.92 -14.60 -33.81
N SER A 333 -22.00 -15.36 -33.98
CA SER A 333 -22.68 -15.95 -32.83
C SER A 333 -21.75 -16.83 -32.00
N VAL A 334 -20.96 -17.65 -32.69
CA VAL A 334 -20.04 -18.56 -32.01
C VAL A 334 -18.93 -17.79 -31.33
N LEU A 335 -18.31 -16.83 -32.02
CA LEU A 335 -17.24 -16.05 -31.40
C LEU A 335 -17.76 -15.25 -30.20
N ILE A 336 -18.95 -14.69 -30.33
CA ILE A 336 -19.62 -14.03 -29.22
C ILE A 336 -19.71 -14.99 -28.05
N GLY A 337 -20.35 -16.14 -28.30
CA GLY A 337 -20.49 -17.14 -27.27
C GLY A 337 -19.16 -17.58 -26.70
N ALA A 338 -18.14 -17.62 -27.55
CA ALA A 338 -16.83 -18.09 -27.16
C ALA A 338 -16.20 -17.10 -26.18
N PHE A 339 -16.25 -15.83 -26.52
CA PHE A 339 -15.69 -14.80 -25.66
C PHE A 339 -16.54 -14.58 -24.39
N SER A 340 -17.83 -14.88 -24.48
CA SER A 340 -18.71 -14.82 -23.31
C SER A 340 -18.12 -15.51 -22.09
N VAL A 341 -17.48 -16.66 -22.30
CA VAL A 341 -16.89 -17.42 -21.21
C VAL A 341 -15.84 -16.58 -20.48
N GLY A 342 -14.87 -16.10 -21.24
CA GLY A 342 -13.82 -15.25 -20.70
C GLY A 342 -14.40 -14.04 -19.99
N GLN A 343 -15.40 -13.43 -20.61
CA GLN A 343 -16.07 -12.29 -19.99
C GLN A 343 -16.90 -12.70 -18.78
N ALA A 344 -17.30 -13.97 -18.74
CA ALA A 344 -18.08 -14.48 -17.62
C ALA A 344 -17.21 -14.80 -16.40
N SER A 345 -16.03 -15.37 -16.65
CA SER A 345 -15.16 -15.88 -15.58
C SER A 345 -14.97 -14.97 -14.34
N PRO A 346 -14.75 -13.65 -14.53
CA PRO A 346 -14.46 -12.78 -13.40
C PRO A 346 -15.56 -12.69 -12.33
N ASN A 347 -16.81 -12.91 -12.73
CA ASN A 347 -17.92 -12.86 -11.78
C ASN A 347 -17.97 -14.12 -10.92
N ILE A 348 -17.44 -15.22 -11.44
CA ILE A 348 -17.30 -16.44 -10.66
C ILE A 348 -16.45 -16.15 -9.43
N GLU A 349 -15.25 -15.63 -9.66
CA GLU A 349 -14.31 -15.32 -8.61
C GLU A 349 -14.93 -14.33 -7.62
N ALA A 350 -15.82 -13.48 -8.13
CA ALA A 350 -16.46 -12.46 -7.29
C ALA A 350 -17.41 -13.07 -6.29
N PHE A 351 -18.15 -14.09 -6.74
CA PHE A 351 -19.09 -14.81 -5.87
C PHE A 351 -18.31 -15.74 -4.96
N ALA A 352 -17.24 -16.33 -5.48
CA ALA A 352 -16.45 -17.32 -4.75
C ALA A 352 -15.77 -16.70 -3.54
N ASN A 353 -15.15 -15.55 -3.72
CA ASN A 353 -14.51 -14.84 -2.62
C ASN A 353 -15.53 -14.44 -1.56
N ALA A 354 -16.74 -14.10 -2.01
CA ALA A 354 -17.79 -13.62 -1.12
C ALA A 354 -18.21 -14.70 -0.13
N ARG A 355 -18.31 -15.94 -0.60
CA ARG A 355 -18.60 -17.06 0.27
C ARG A 355 -17.53 -17.12 1.35
N GLY A 356 -16.28 -16.97 0.94
CA GLY A 356 -15.16 -17.05 1.86
C GLY A 356 -15.15 -15.93 2.87
N ALA A 357 -15.38 -14.70 2.41
CA ALA A 357 -15.47 -13.57 3.32
C ALA A 357 -16.60 -13.80 4.30
N ALA A 358 -17.66 -14.45 3.81
CA ALA A 358 -18.85 -14.68 4.62
C ALA A 358 -18.61 -15.75 5.68
N TYR A 359 -17.67 -16.65 5.43
CA TYR A 359 -17.40 -17.75 6.36
C TYR A 359 -17.07 -17.23 7.74
N GLU A 360 -16.05 -16.39 7.81
CA GLU A 360 -15.59 -15.88 9.10
C GLU A 360 -16.58 -14.87 9.65
N VAL A 361 -17.41 -14.30 8.78
CA VAL A 361 -18.46 -13.39 9.20
C VAL A 361 -19.62 -14.16 9.84
N PHE A 362 -20.07 -15.22 9.18
CA PHE A 362 -21.17 -16.02 9.72
C PHE A 362 -20.70 -16.88 10.87
N LYS A 363 -19.39 -17.05 11.02
CA LYS A 363 -18.84 -17.83 12.11
C LYS A 363 -19.11 -17.13 13.44
N ILE A 364 -19.02 -15.80 13.44
CA ILE A 364 -19.27 -15.03 14.64
C ILE A 364 -20.76 -15.04 14.97
N ILE A 365 -21.58 -14.92 13.93
CA ILE A 365 -23.02 -14.80 14.13
C ILE A 365 -23.62 -16.12 14.62
N ASP A 366 -23.10 -17.22 14.11
CA ASP A 366 -23.59 -18.54 14.48
C ASP A 366 -23.04 -18.98 15.82
N ASN A 367 -22.05 -18.26 16.32
CA ASN A 367 -21.41 -18.63 17.58
C ASN A 367 -22.25 -18.18 18.76
N LYS A 368 -22.68 -19.16 19.56
CA LYS A 368 -23.41 -18.90 20.80
C LYS A 368 -22.44 -19.00 21.97
N PRO A 369 -22.34 -17.93 22.77
CA PRO A 369 -21.40 -17.98 23.90
C PRO A 369 -22.01 -18.66 25.12
N SER A 370 -21.21 -18.87 26.16
CA SER A 370 -21.72 -19.43 27.41
C SER A 370 -22.35 -18.32 28.23
N ILE A 371 -21.73 -17.15 28.20
CA ILE A 371 -22.13 -16.03 29.05
C ILE A 371 -23.31 -15.22 28.50
N ASP A 372 -23.38 -15.03 27.19
CA ASP A 372 -24.43 -14.21 26.60
C ASP A 372 -24.37 -12.82 27.20
N SER A 373 -25.37 -12.47 28.02
CA SER A 373 -25.63 -11.11 28.53
C SER A 373 -26.58 -10.35 27.62
N PHE A 374 -26.89 -10.93 26.45
CA PHE A 374 -28.02 -10.50 25.66
C PHE A 374 -29.22 -11.40 25.94
N SER A 375 -29.01 -12.39 26.79
CA SER A 375 -30.06 -13.32 27.18
C SER A 375 -30.93 -12.73 28.27
N LYS A 376 -32.24 -13.02 28.24
CA LYS A 376 -33.08 -12.75 29.38
C LYS A 376 -33.27 -14.07 30.10
N SER A 377 -32.51 -14.26 31.17
CA SER A 377 -32.52 -15.50 31.92
C SER A 377 -31.88 -15.32 33.28
N GLY A 378 -32.13 -16.25 34.20
CA GLY A 378 -31.50 -16.22 35.51
C GLY A 378 -32.21 -15.27 36.45
N HIS A 379 -32.02 -15.48 37.75
CA HIS A 379 -32.73 -14.70 38.76
C HIS A 379 -32.26 -13.25 38.80
N LYS A 380 -33.20 -12.36 39.12
CA LYS A 380 -32.92 -10.93 39.28
C LYS A 380 -33.29 -10.52 40.70
N PRO A 381 -32.47 -10.91 41.69
CA PRO A 381 -32.84 -10.81 43.10
C PRO A 381 -33.19 -9.40 43.56
N ASP A 382 -34.05 -9.33 44.57
CA ASP A 382 -34.46 -8.08 45.19
C ASP A 382 -33.87 -7.98 46.58
N ASN A 383 -33.66 -6.76 47.06
CA ASN A 383 -33.15 -6.54 48.40
C ASN A 383 -31.82 -7.26 48.63
N ILE A 384 -30.85 -7.00 47.75
CA ILE A 384 -29.52 -7.60 47.85
C ILE A 384 -28.73 -6.94 48.98
N GLN A 385 -28.29 -7.72 49.95
CA GLN A 385 -27.52 -7.21 51.08
C GLN A 385 -26.02 -7.22 50.80
N GLY A 386 -25.61 -7.87 49.72
CA GLY A 386 -24.24 -7.79 49.25
C GLY A 386 -23.20 -8.48 50.12
N ASN A 387 -23.40 -9.76 50.40
CA ASN A 387 -22.38 -10.59 51.04
C ASN A 387 -21.64 -11.43 50.01
N LEU A 388 -20.35 -11.18 49.85
CA LEU A 388 -19.57 -11.83 48.80
C LEU A 388 -18.61 -12.87 49.37
N GLU A 389 -18.36 -13.94 48.61
CA GLU A 389 -17.30 -14.89 48.96
C GLU A 389 -16.69 -15.58 47.73
N PHE A 390 -15.37 -15.80 47.81
CA PHE A 390 -14.62 -16.50 46.76
C PHE A 390 -14.09 -17.82 47.34
N LYS A 391 -14.58 -18.94 46.81
CA LYS A 391 -14.29 -20.26 47.37
C LYS A 391 -13.44 -21.14 46.44
N ASN A 392 -12.22 -21.43 46.88
CA ASN A 392 -11.32 -22.35 46.18
C ASN A 392 -11.26 -22.06 44.68
N ILE A 393 -11.02 -20.80 44.33
CA ILE A 393 -11.01 -20.42 42.93
C ILE A 393 -9.61 -20.57 42.34
N HIS A 394 -9.50 -21.47 41.37
CA HIS A 394 -8.33 -21.56 40.51
C HIS A 394 -8.70 -20.91 39.18
N PHE A 395 -7.79 -20.11 38.63
CA PHE A 395 -8.08 -19.42 37.38
C PHE A 395 -6.84 -19.16 36.54
N SER A 396 -7.05 -19.07 35.24
CA SER A 396 -6.02 -18.58 34.34
C SER A 396 -6.71 -17.87 33.17
N TYR A 397 -6.13 -16.75 32.75
CA TYR A 397 -6.64 -16.03 31.58
C TYR A 397 -6.38 -16.85 30.33
N PRO A 398 -7.01 -16.50 29.21
CA PRO A 398 -6.74 -17.33 28.04
C PRO A 398 -5.35 -17.14 27.43
N SER A 399 -4.32 -17.17 28.29
CA SER A 399 -2.98 -17.63 27.90
C SER A 399 -2.87 -19.11 28.28
N ARG A 400 -3.87 -19.57 29.04
CA ARG A 400 -4.03 -20.97 29.41
C ARG A 400 -2.81 -21.56 30.13
N LYS A 401 -2.43 -22.79 29.77
CA LYS A 401 -1.51 -23.60 30.55
C LYS A 401 -0.14 -22.94 30.75
N GLU A 402 0.19 -21.98 29.91
CA GLU A 402 1.47 -21.29 30.01
C GLU A 402 1.65 -20.68 31.40
N VAL A 403 0.60 -20.02 31.89
CA VAL A 403 0.63 -19.44 33.24
C VAL A 403 -0.71 -19.59 33.93
N GLN A 404 -0.66 -20.09 35.17
CA GLN A 404 -1.82 -20.10 36.04
C GLN A 404 -1.57 -19.12 37.17
N ILE A 405 -2.28 -18.00 37.16
CA ILE A 405 -1.99 -16.90 38.08
C ILE A 405 -2.55 -17.14 39.48
N LEU A 406 -3.74 -17.73 39.55
CA LEU A 406 -4.42 -17.95 40.81
C LEU A 406 -4.47 -19.44 41.17
N LYS A 407 -3.67 -19.85 42.16
CA LYS A 407 -3.64 -21.24 42.59
C LYS A 407 -4.46 -21.34 43.87
N GLY A 408 -5.66 -21.88 43.75
CA GLY A 408 -6.59 -21.92 44.86
C GLY A 408 -6.97 -20.50 45.24
N LEU A 409 -7.86 -20.36 46.22
CA LEU A 409 -8.15 -19.08 46.85
C LEU A 409 -9.20 -19.31 47.92
N ASN A 410 -9.24 -18.42 48.91
CA ASN A 410 -10.38 -18.32 49.81
C ASN A 410 -10.55 -16.86 50.20
N LEU A 411 -11.76 -16.33 50.08
CA LEU A 411 -12.01 -14.98 50.57
C LEU A 411 -13.47 -14.73 50.95
N LYS A 412 -13.66 -13.88 51.95
CA LYS A 412 -14.97 -13.39 52.33
C LYS A 412 -14.89 -11.88 52.57
N VAL A 413 -15.95 -11.17 52.20
CA VAL A 413 -16.08 -9.76 52.55
C VAL A 413 -17.51 -9.53 53.04
N LYS A 414 -17.63 -9.06 54.27
CA LYS A 414 -18.94 -8.95 54.92
C LYS A 414 -19.73 -7.80 54.31
N SER A 415 -21.06 -7.90 54.41
CA SER A 415 -21.95 -6.86 53.88
C SER A 415 -21.69 -5.51 54.54
N GLY A 416 -21.49 -4.49 53.73
CA GLY A 416 -21.25 -3.16 54.22
C GLY A 416 -19.78 -2.86 54.46
N GLN A 417 -18.97 -3.91 54.57
CA GLN A 417 -17.54 -3.71 54.79
C GLN A 417 -16.85 -3.25 53.51
N THR A 418 -15.57 -2.95 53.62
CA THR A 418 -14.74 -2.61 52.47
C THR A 418 -13.40 -3.31 52.60
N VAL A 419 -13.11 -4.22 51.67
CA VAL A 419 -11.90 -5.02 51.75
C VAL A 419 -10.88 -4.48 50.75
N ALA A 420 -9.62 -4.43 51.16
CA ALA A 420 -8.55 -3.90 50.31
C ALA A 420 -7.50 -4.95 50.00
N LEU A 421 -7.38 -5.30 48.73
CA LEU A 421 -6.47 -6.36 48.29
C LEU A 421 -5.09 -5.80 47.94
N VAL A 422 -4.06 -6.39 48.55
CA VAL A 422 -2.68 -5.96 48.33
C VAL A 422 -1.85 -7.14 47.80
N GLY A 423 -0.85 -6.83 47.00
CA GLY A 423 0.02 -7.87 46.45
C GLY A 423 1.22 -7.27 45.75
N ASN A 424 2.31 -8.03 45.69
CA ASN A 424 3.57 -7.51 45.17
C ASN A 424 3.57 -7.39 43.66
N SER A 425 3.11 -8.45 42.98
CA SER A 425 3.07 -8.45 41.53
C SER A 425 2.13 -9.55 41.02
N GLY A 426 2.03 -9.66 39.70
CA GLY A 426 1.17 -10.65 39.07
C GLY A 426 -0.24 -10.14 38.87
N CYS A 427 -0.61 -9.13 39.65
CA CYS A 427 -1.95 -8.53 39.60
C CYS A 427 -3.02 -9.60 39.76
N GLY A 428 -2.76 -10.58 40.62
CA GLY A 428 -3.76 -11.53 41.03
C GLY A 428 -4.85 -10.82 41.83
N LYS A 429 -4.54 -9.59 42.24
CA LYS A 429 -5.50 -8.72 42.89
C LYS A 429 -6.67 -8.40 41.96
N SER A 430 -6.33 -7.90 40.77
CA SER A 430 -7.33 -7.49 39.78
C SER A 430 -8.23 -8.65 39.36
N THR A 431 -7.65 -9.85 39.34
CA THR A 431 -8.36 -11.04 38.86
C THR A 431 -9.69 -11.21 39.57
N THR A 432 -9.73 -10.86 40.85
CA THR A 432 -10.95 -11.01 41.64
C THR A 432 -12.00 -10.03 41.13
N VAL A 433 -11.59 -8.81 40.80
CA VAL A 433 -12.48 -7.83 40.21
C VAL A 433 -12.92 -8.32 38.85
N GLN A 434 -12.00 -9.01 38.17
CA GLN A 434 -12.25 -9.57 36.85
C GLN A 434 -13.28 -10.70 36.91
N LEU A 435 -13.19 -11.51 37.96
CA LEU A 435 -14.11 -12.63 38.15
C LEU A 435 -15.44 -12.19 38.76
N MET A 436 -15.41 -11.16 39.61
CA MET A 436 -16.60 -10.72 40.33
C MET A 436 -17.66 -10.15 39.39
N GLN A 437 -17.27 -9.75 38.19
CA GLN A 437 -18.22 -9.30 37.18
C GLN A 437 -18.64 -10.45 36.26
N ARG A 438 -18.06 -11.61 36.50
CA ARG A 438 -18.20 -12.76 35.60
C ARG A 438 -17.83 -12.37 34.18
N LEU A 439 -16.66 -11.75 34.03
CA LEU A 439 -16.07 -11.56 32.71
C LEU A 439 -15.55 -12.91 32.23
N TYR A 440 -15.09 -13.69 33.20
CA TYR A 440 -14.72 -15.08 32.98
C TYR A 440 -15.43 -15.96 34.01
N ASP A 441 -15.66 -17.22 33.66
CA ASP A 441 -15.95 -18.22 34.67
C ASP A 441 -14.64 -18.87 35.10
N PRO A 442 -14.48 -19.12 36.40
CA PRO A 442 -13.21 -19.65 36.91
C PRO A 442 -12.99 -21.11 36.51
N LEU A 443 -11.73 -21.52 36.41
CA LEU A 443 -11.41 -22.91 36.06
C LEU A 443 -12.08 -23.87 37.03
N ASP A 444 -11.77 -23.71 38.32
CA ASP A 444 -12.47 -24.42 39.37
C ASP A 444 -12.81 -23.42 40.47
N GLY A 445 -13.79 -23.76 41.30
CA GLY A 445 -14.23 -22.89 42.38
C GLY A 445 -15.46 -22.10 42.00
N MET A 446 -15.95 -21.27 42.91
CA MET A 446 -17.13 -20.45 42.65
C MET A 446 -17.04 -19.10 43.36
N VAL A 447 -17.53 -18.07 42.69
CA VAL A 447 -17.68 -16.75 43.30
C VAL A 447 -19.16 -16.55 43.64
N SER A 448 -19.43 -16.18 44.88
CA SER A 448 -20.80 -16.12 45.38
C SER A 448 -21.14 -14.75 45.94
N ILE A 449 -22.05 -14.07 45.27
CA ILE A 449 -22.65 -12.83 45.76
C ILE A 449 -23.89 -13.20 46.56
N ASP A 450 -23.98 -12.66 47.78
CA ASP A 450 -24.99 -13.11 48.72
C ASP A 450 -24.83 -14.63 48.89
N GLY A 451 -25.94 -15.36 48.92
CA GLY A 451 -25.88 -16.80 49.05
C GLY A 451 -25.73 -17.53 47.73
N GLN A 452 -26.29 -16.96 46.68
CA GLN A 452 -26.38 -17.64 45.39
C GLN A 452 -25.06 -17.61 44.62
N ASP A 453 -24.88 -18.59 43.75
CA ASP A 453 -23.75 -18.61 42.82
C ASP A 453 -23.95 -17.53 41.77
N ILE A 454 -22.87 -16.87 41.39
CA ILE A 454 -22.94 -15.75 40.46
C ILE A 454 -23.49 -16.18 39.10
N ARG A 455 -23.34 -17.46 38.77
CA ARG A 455 -23.66 -17.96 37.45
C ARG A 455 -25.16 -18.21 37.28
N THR A 456 -25.88 -18.26 38.39
CA THR A 456 -27.32 -18.47 38.36
C THR A 456 -28.04 -17.17 38.01
N ILE A 457 -27.54 -16.07 38.55
CA ILE A 457 -28.17 -14.76 38.37
C ILE A 457 -27.84 -14.15 37.01
N ASN A 458 -28.81 -13.44 36.46
CA ASN A 458 -28.72 -12.89 35.12
C ASN A 458 -27.44 -12.10 34.96
N VAL A 459 -26.79 -12.21 33.80
CA VAL A 459 -25.54 -11.51 33.57
C VAL A 459 -25.73 -9.99 33.60
N ARG A 460 -26.66 -9.49 32.78
CA ARG A 460 -26.92 -8.06 32.73
C ARG A 460 -27.25 -7.50 34.11
N TYR A 461 -28.21 -8.10 34.78
CA TYR A 461 -28.60 -7.67 36.12
C TYR A 461 -27.39 -7.65 37.05
N LEU A 462 -26.54 -8.67 36.93
CA LEU A 462 -25.30 -8.73 37.69
C LEU A 462 -24.42 -7.52 37.37
N ARG A 463 -24.23 -7.27 36.08
CA ARG A 463 -23.41 -6.15 35.65
C ARG A 463 -24.04 -4.84 36.11
N GLU A 464 -25.36 -4.86 36.27
CA GLU A 464 -26.09 -3.66 36.71
C GLU A 464 -26.00 -3.41 38.22
N ILE A 465 -26.08 -4.47 39.03
CA ILE A 465 -25.98 -4.29 40.48
C ILE A 465 -24.55 -4.00 40.94
N ILE A 466 -23.59 -4.17 40.04
CA ILE A 466 -22.17 -3.94 40.33
C ILE A 466 -21.67 -2.66 39.68
N GLY A 467 -21.14 -1.73 40.47
CA GLY A 467 -20.46 -0.55 39.96
C GLY A 467 -18.97 -0.77 39.83
N VAL A 468 -18.33 -0.10 38.87
CA VAL A 468 -16.92 -0.36 38.57
C VAL A 468 -16.17 0.93 38.23
N VAL A 469 -15.01 1.09 38.86
CA VAL A 469 -14.11 2.21 38.56
C VAL A 469 -12.71 1.67 38.27
N SER A 470 -12.21 1.97 37.07
CA SER A 470 -10.99 1.35 36.57
C SER A 470 -9.87 2.38 36.47
N GLN A 471 -8.62 1.90 36.52
CA GLN A 471 -7.46 2.77 36.56
C GLN A 471 -7.46 3.83 35.46
N GLU A 472 -7.60 3.38 34.21
CA GLU A 472 -7.71 4.31 33.09
C GLU A 472 -9.18 4.53 32.76
N PRO A 473 -9.71 5.72 33.10
CA PRO A 473 -11.12 5.96 32.77
C PRO A 473 -11.30 6.30 31.29
N VAL A 474 -12.42 5.87 30.71
CA VAL A 474 -12.73 6.16 29.31
C VAL A 474 -14.04 6.92 29.20
N LEU A 475 -14.05 7.92 28.32
CA LEU A 475 -15.23 8.74 28.10
C LEU A 475 -15.61 8.72 26.62
N PHE A 476 -16.79 8.19 26.35
CA PHE A 476 -17.32 8.15 25.00
C PHE A 476 -17.61 9.59 24.54
N ALA A 477 -17.60 9.83 23.23
CA ALA A 477 -17.64 11.20 22.74
C ALA A 477 -19.07 11.66 22.46
N THR A 478 -19.54 12.53 23.35
CA THR A 478 -20.89 13.08 23.37
C THR A 478 -20.87 14.01 24.57
N THR A 479 -21.98 14.69 24.84
CA THR A 479 -22.03 15.61 25.98
C THR A 479 -21.83 14.85 27.30
N ILE A 480 -21.39 15.57 28.34
CA ILE A 480 -21.13 14.97 29.64
C ILE A 480 -22.37 14.27 30.17
N ALA A 481 -23.53 14.90 29.99
CA ALA A 481 -24.80 14.33 30.40
C ALA A 481 -24.96 12.94 29.80
N GLU A 482 -24.70 12.83 28.50
CA GLU A 482 -24.81 11.55 27.81
C GLU A 482 -23.83 10.52 28.40
N ASN A 483 -22.64 10.97 28.76
CA ASN A 483 -21.66 10.09 29.38
C ASN A 483 -22.13 9.64 30.75
N ILE A 484 -22.79 10.54 31.47
CA ILE A 484 -23.41 10.19 32.74
C ILE A 484 -24.70 9.41 32.47
N ARG A 485 -25.24 9.57 31.26
CA ARG A 485 -26.46 8.88 30.87
C ARG A 485 -26.18 7.43 30.47
N TYR A 486 -24.91 7.13 30.18
CA TYR A 486 -24.53 5.76 29.86
C TYR A 486 -24.55 4.91 31.14
N GLY A 487 -24.77 5.54 32.28
CA GLY A 487 -25.02 4.81 33.50
C GLY A 487 -26.41 4.22 33.49
N ARG A 488 -27.40 5.04 33.13
CA ARG A 488 -28.77 4.58 32.93
C ARG A 488 -29.45 5.37 31.81
N GLU A 489 -30.14 4.67 30.91
CA GLU A 489 -30.79 5.32 29.77
C GLU A 489 -31.86 6.30 30.24
N ASP A 490 -32.60 5.93 31.28
CA ASP A 490 -33.62 6.82 31.84
C ASP A 490 -33.04 7.60 33.02
N VAL A 491 -32.85 8.90 32.81
CA VAL A 491 -32.34 9.76 33.86
C VAL A 491 -32.68 11.23 33.51
N THR A 492 -32.68 12.09 34.52
CA THR A 492 -32.94 13.52 34.32
C THR A 492 -31.73 14.32 34.79
N MET A 493 -31.57 15.52 34.25
CA MET A 493 -30.40 16.36 34.55
C MET A 493 -30.23 16.57 36.05
N ASP A 494 -31.31 16.43 36.80
CA ASP A 494 -31.26 16.51 38.25
C ASP A 494 -30.41 15.40 38.83
N GLU A 495 -30.68 14.17 38.40
CA GLU A 495 -29.91 13.01 38.84
C GLU A 495 -28.45 13.13 38.41
N ILE A 496 -28.23 13.66 37.21
CA ILE A 496 -26.87 13.94 36.73
C ILE A 496 -26.20 14.91 37.70
N GLU A 497 -26.89 15.99 38.01
CA GLU A 497 -26.37 17.02 38.91
C GLU A 497 -26.02 16.42 40.26
N LYS A 498 -26.96 15.69 40.85
CA LYS A 498 -26.73 15.09 42.16
C LYS A 498 -25.59 14.08 42.07
N ALA A 499 -25.51 13.38 40.94
CA ALA A 499 -24.47 12.37 40.74
C ALA A 499 -23.09 13.00 40.72
N VAL A 500 -22.90 14.01 39.86
CA VAL A 500 -21.61 14.67 39.75
C VAL A 500 -21.29 15.47 41.01
N LYS A 501 -22.33 16.02 41.63
CA LYS A 501 -22.15 16.79 42.87
C LYS A 501 -21.75 15.86 44.00
N GLU A 502 -22.32 14.66 44.03
CA GLU A 502 -21.99 13.65 45.02
C GLU A 502 -20.59 13.08 44.75
N ALA A 503 -20.10 13.29 43.53
CA ALA A 503 -18.72 12.95 43.17
C ALA A 503 -17.83 14.18 43.28
N ASN A 504 -18.42 15.32 43.63
CA ASN A 504 -17.71 16.59 43.75
C ASN A 504 -17.04 17.00 42.44
N ALA A 505 -17.62 16.56 41.33
CA ALA A 505 -17.14 16.94 40.00
C ALA A 505 -17.93 18.12 39.45
N TYR A 506 -18.95 18.55 40.19
CA TYR A 506 -19.88 19.58 39.73
C TYR A 506 -19.17 20.90 39.43
N ASP A 507 -18.34 21.32 40.38
CA ASP A 507 -17.61 22.58 40.27
C ASP A 507 -16.79 22.64 39.00
N PHE A 508 -15.83 21.73 38.90
CA PHE A 508 -14.88 21.69 37.78
C PHE A 508 -15.58 21.65 36.42
N ILE A 509 -16.70 20.94 36.31
CA ILE A 509 -17.42 20.88 35.04
C ILE A 509 -18.30 22.12 34.83
N MET A 510 -18.84 22.68 35.91
CA MET A 510 -19.69 23.86 35.77
C MET A 510 -18.87 25.08 35.37
N LYS A 511 -17.63 25.15 35.84
CA LYS A 511 -16.71 26.19 35.43
C LYS A 511 -16.44 26.06 33.93
N LEU A 512 -16.54 24.84 33.42
CA LEU A 512 -16.33 24.56 32.01
C LEU A 512 -17.50 25.12 31.19
N PRO A 513 -17.20 25.65 29.98
CA PRO A 513 -18.27 26.20 29.14
C PRO A 513 -19.27 25.14 28.69
N HIS A 514 -20.43 25.57 28.18
CA HIS A 514 -21.48 24.68 27.67
C HIS A 514 -22.20 23.91 28.77
N GLN A 515 -21.72 24.02 30.01
CA GLN A 515 -22.31 23.30 31.14
C GLN A 515 -22.26 21.79 30.89
N PHE A 516 -23.40 21.11 31.05
CA PHE A 516 -23.47 19.66 30.85
C PHE A 516 -23.35 19.25 29.39
N ASP A 517 -23.39 20.22 28.47
CA ASP A 517 -23.37 19.92 27.05
C ASP A 517 -21.95 19.90 26.48
N THR A 518 -20.96 20.02 27.34
CA THR A 518 -19.56 20.06 26.92
C THR A 518 -19.10 18.71 26.33
N LEU A 519 -18.28 18.77 25.29
CA LEU A 519 -17.81 17.58 24.60
C LEU A 519 -16.66 16.89 25.34
N VAL A 520 -16.53 15.59 25.15
CA VAL A 520 -15.37 14.81 25.62
C VAL A 520 -15.00 13.76 24.57
N GLY A 521 -13.83 13.15 24.72
CA GLY A 521 -13.44 12.05 23.86
C GLY A 521 -11.95 11.99 23.56
N GLU A 522 -11.58 11.20 22.56
CA GLU A 522 -10.22 11.17 22.06
C GLU A 522 -9.95 12.43 21.23
N ARG A 523 -10.97 12.86 20.50
CA ARG A 523 -10.90 14.09 19.72
C ARG A 523 -11.63 15.22 20.43
N GLY A 524 -10.87 16.18 20.93
CA GLY A 524 -11.42 17.37 21.55
C GLY A 524 -11.58 17.26 23.06
N ALA A 525 -11.43 18.41 23.72
CA ALA A 525 -11.70 18.54 25.15
C ALA A 525 -10.94 17.52 25.99
N GLN A 526 -9.63 17.45 25.82
CA GLN A 526 -8.80 16.56 26.63
C GLN A 526 -8.67 17.13 28.04
N LEU A 527 -9.08 16.35 29.04
CA LEU A 527 -9.17 16.84 30.41
C LEU A 527 -8.18 16.14 31.34
N SER A 528 -8.18 16.58 32.60
CA SER A 528 -7.33 15.98 33.61
C SER A 528 -7.79 14.55 33.91
N GLY A 529 -6.84 13.68 34.23
CA GLY A 529 -7.15 12.30 34.53
C GLY A 529 -8.11 12.17 35.69
N GLY A 530 -7.90 12.98 36.73
CA GLY A 530 -8.74 12.95 37.91
C GLY A 530 -10.16 13.39 37.62
N GLN A 531 -10.31 14.38 36.76
CA GLN A 531 -11.63 14.87 36.37
C GLN A 531 -12.39 13.79 35.62
N LYS A 532 -11.73 13.18 34.64
CA LYS A 532 -12.29 12.08 33.88
C LYS A 532 -12.69 10.94 34.83
N GLN A 533 -11.77 10.60 35.73
CA GLN A 533 -12.03 9.59 36.74
C GLN A 533 -13.26 9.95 37.55
N ARG A 534 -13.37 11.21 37.93
CA ARG A 534 -14.53 11.68 38.68
C ARG A 534 -15.80 11.51 37.86
N ILE A 535 -15.73 11.87 36.58
CA ILE A 535 -16.87 11.69 35.69
C ILE A 535 -17.22 10.20 35.61
N ALA A 536 -16.20 9.35 35.63
CA ALA A 536 -16.41 7.91 35.61
C ALA A 536 -17.06 7.45 36.92
N ILE A 537 -16.64 8.04 38.03
CA ILE A 537 -17.23 7.71 39.33
C ILE A 537 -18.67 8.21 39.40
N ALA A 538 -18.94 9.34 38.75
CA ALA A 538 -20.31 9.85 38.68
C ALA A 538 -21.16 8.91 37.84
N ARG A 539 -20.65 8.57 36.66
CA ARG A 539 -21.30 7.60 35.79
C ARG A 539 -21.59 6.32 36.54
N ALA A 540 -20.59 5.81 37.26
CA ALA A 540 -20.74 4.60 38.05
C ALA A 540 -21.74 4.82 39.18
N LEU A 541 -21.74 6.02 39.75
CA LEU A 541 -22.62 6.37 40.86
C LEU A 541 -24.09 6.38 40.44
N VAL A 542 -24.38 6.89 39.24
CA VAL A 542 -25.74 6.88 38.72
C VAL A 542 -26.29 5.46 38.67
N ARG A 543 -25.39 4.49 38.49
CA ARG A 543 -25.76 3.09 38.41
C ARG A 543 -26.41 2.57 39.69
N ASN A 544 -26.29 3.35 40.76
CA ASN A 544 -26.75 2.99 42.11
C ASN A 544 -26.50 1.52 42.44
N PRO A 545 -25.24 1.08 42.29
CA PRO A 545 -24.86 -0.33 42.46
C PRO A 545 -24.82 -0.76 43.93
N LYS A 546 -25.14 -2.01 44.21
CA LYS A 546 -25.00 -2.56 45.55
C LYS A 546 -23.55 -2.97 45.81
N ILE A 547 -22.84 -3.31 44.74
CA ILE A 547 -21.45 -3.78 44.84
C ILE A 547 -20.50 -2.84 44.09
N LEU A 548 -19.50 -2.34 44.79
CA LEU A 548 -18.55 -1.40 44.22
C LEU A 548 -17.15 -1.99 44.10
N LEU A 549 -16.58 -1.94 42.89
CA LEU A 549 -15.25 -2.46 42.63
C LEU A 549 -14.34 -1.35 42.12
N LEU A 550 -13.30 -1.04 42.89
CA LEU A 550 -12.36 0.02 42.57
C LEU A 550 -10.97 -0.54 42.39
N ASP A 551 -10.47 -0.51 41.16
CA ASP A 551 -9.16 -1.06 40.85
C ASP A 551 -8.17 0.02 40.43
N GLU A 552 -7.25 0.33 41.35
CA GLU A 552 -6.16 1.27 41.10
C GLU A 552 -6.63 2.58 40.48
N ALA A 553 -7.83 3.02 40.87
CA ALA A 553 -8.39 4.26 40.33
C ALA A 553 -7.60 5.45 40.84
N THR A 554 -7.14 5.33 42.08
CA THR A 554 -6.33 6.36 42.70
C THR A 554 -4.92 6.38 42.11
N SER A 555 -4.45 5.20 41.71
CA SER A 555 -3.11 5.06 41.14
C SER A 555 -3.03 5.64 39.73
N ALA A 556 -1.81 5.93 39.29
CA ALA A 556 -1.55 6.52 37.98
C ALA A 556 -2.25 7.86 37.87
N LEU A 557 -2.09 8.69 38.89
CA LEU A 557 -2.71 10.01 38.91
C LEU A 557 -1.89 10.96 39.78
N ASP A 558 -2.01 12.26 39.53
CA ASP A 558 -1.26 13.25 40.30
C ASP A 558 -1.71 13.26 41.75
N THR A 559 -0.77 13.58 42.64
CA THR A 559 -1.00 13.48 44.08
C THR A 559 -2.02 14.50 44.59
N GLU A 560 -2.10 15.65 43.93
CA GLU A 560 -3.00 16.71 44.37
C GLU A 560 -4.45 16.33 44.09
N SER A 561 -4.74 15.95 42.85
CA SER A 561 -6.09 15.57 42.45
C SER A 561 -6.48 14.20 43.03
N GLU A 562 -5.47 13.43 43.41
CA GLU A 562 -5.70 12.10 43.98
C GLU A 562 -6.60 12.18 45.20
N ALA A 563 -6.34 13.15 46.08
CA ALA A 563 -7.16 13.34 47.27
C ALA A 563 -8.56 13.79 46.87
N VAL A 564 -8.64 14.59 45.81
CA VAL A 564 -9.92 15.08 45.33
C VAL A 564 -10.79 13.91 44.87
N VAL A 565 -10.20 13.02 44.07
CA VAL A 565 -10.89 11.84 43.60
C VAL A 565 -11.10 10.86 44.76
N GLN A 566 -10.14 10.82 45.68
CA GLN A 566 -10.22 9.94 46.83
C GLN A 566 -11.43 10.29 47.70
N ALA A 567 -11.67 11.58 47.92
CA ALA A 567 -12.85 12.04 48.63
C ALA A 567 -14.10 11.44 47.99
N ALA A 568 -14.19 11.58 46.67
CA ALA A 568 -15.32 11.04 45.92
C ALA A 568 -15.43 9.53 46.13
N LEU A 569 -14.32 8.82 45.97
CA LEU A 569 -14.29 7.37 46.16
C LEU A 569 -14.77 7.00 47.56
N ASP A 570 -14.35 7.78 48.56
CA ASP A 570 -14.78 7.55 49.92
C ASP A 570 -16.26 7.88 50.09
N LYS A 571 -16.74 8.86 49.33
CA LYS A 571 -18.16 9.20 49.33
C LYS A 571 -18.98 8.26 48.45
N ALA A 572 -18.31 7.55 47.55
CA ALA A 572 -18.97 6.59 46.68
C ALA A 572 -19.34 5.33 47.46
N ARG A 573 -18.61 5.08 48.54
CA ARG A 573 -18.87 3.99 49.46
C ARG A 573 -19.94 4.41 50.48
N GLU A 574 -20.04 3.63 51.56
CA GLU A 574 -20.89 3.94 52.73
C GLU A 574 -22.36 3.57 52.50
N GLY A 575 -22.72 3.35 51.24
CA GLY A 575 -24.02 2.78 50.91
C GLY A 575 -23.88 1.35 50.43
N ARG A 576 -22.65 0.88 50.32
CA ARG A 576 -22.35 -0.34 49.57
C ARG A 576 -21.24 -1.18 50.20
N THR A 577 -21.14 -2.43 49.74
CA THR A 577 -20.01 -3.29 50.05
C THR A 577 -18.97 -3.14 48.94
N THR A 578 -17.69 -3.15 49.30
CA THR A 578 -16.63 -2.76 48.38
C THR A 578 -15.37 -3.62 48.44
N ILE A 579 -14.82 -3.90 47.26
CA ILE A 579 -13.51 -4.52 47.14
C ILE A 579 -12.63 -3.51 46.41
N VAL A 580 -11.54 -3.09 47.05
CA VAL A 580 -10.65 -2.09 46.48
C VAL A 580 -9.24 -2.67 46.29
N ILE A 581 -8.60 -2.23 45.22
CA ILE A 581 -7.24 -2.62 44.92
C ILE A 581 -6.45 -1.39 44.47
N ALA A 582 -5.27 -1.21 45.04
CA ALA A 582 -4.36 -0.17 44.57
C ALA A 582 -2.97 -0.36 45.16
N HIS A 583 -2.04 0.49 44.72
CA HIS A 583 -0.68 0.50 45.25
C HIS A 583 -0.56 1.56 46.35
N ARG A 584 -1.64 2.29 46.58
CA ARG A 584 -1.65 3.36 47.56
C ARG A 584 -2.09 2.81 48.91
N LEU A 585 -1.16 2.77 49.85
CA LEU A 585 -1.44 2.29 51.20
C LEU A 585 -1.89 3.47 52.06
N SER A 586 -2.08 4.62 51.43
CA SER A 586 -2.70 5.76 52.09
C SER A 586 -4.20 5.50 52.24
N THR A 587 -4.76 4.84 51.24
CA THR A 587 -6.20 4.59 51.17
C THR A 587 -6.63 3.29 51.85
N VAL A 588 -5.66 2.44 52.16
CA VAL A 588 -5.96 1.12 52.71
C VAL A 588 -6.25 1.13 54.22
N ARG A 589 -5.66 2.06 54.96
CA ARG A 589 -5.72 2.04 56.41
C ARG A 589 -7.15 2.00 56.94
N ASN A 590 -8.04 2.77 56.32
CA ASN A 590 -9.41 2.88 56.79
C ASN A 590 -10.25 1.64 56.45
N ALA A 591 -9.69 0.77 55.61
CA ALA A 591 -10.39 -0.46 55.23
C ALA A 591 -10.65 -1.34 56.45
N ASP A 592 -11.73 -2.11 56.38
CA ASP A 592 -12.11 -2.97 57.49
C ASP A 592 -11.28 -4.25 57.50
N VAL A 593 -10.91 -4.71 56.30
CA VAL A 593 -10.07 -5.90 56.17
C VAL A 593 -9.10 -5.74 55.00
N ILE A 594 -7.85 -6.12 55.23
CA ILE A 594 -6.82 -6.08 54.21
C ILE A 594 -6.39 -7.52 53.90
N ALA A 595 -6.14 -7.80 52.63
CA ALA A 595 -5.82 -9.16 52.19
C ALA A 595 -4.62 -9.20 51.25
N GLY A 596 -3.54 -9.84 51.71
CA GLY A 596 -2.35 -10.02 50.89
C GLY A 596 -2.36 -11.31 50.10
N PHE A 597 -1.67 -11.32 48.96
CA PHE A 597 -1.55 -12.52 48.14
C PHE A 597 -0.08 -12.86 47.89
N ASP A 598 0.22 -14.16 47.85
CA ASP A 598 1.56 -14.62 47.45
C ASP A 598 1.43 -15.80 46.48
N GLY A 599 1.94 -15.61 45.27
CA GLY A 599 1.87 -16.64 44.25
C GLY A 599 0.46 -17.13 44.01
N GLY A 600 -0.50 -16.21 44.09
CA GLY A 600 -1.90 -16.54 43.88
C GLY A 600 -2.56 -17.12 45.11
N VAL A 601 -1.80 -17.24 46.19
CA VAL A 601 -2.29 -17.83 47.43
C VAL A 601 -2.56 -16.75 48.48
N ILE A 602 -3.79 -16.70 48.96
CA ILE A 602 -4.16 -15.80 50.05
C ILE A 602 -3.46 -16.23 51.33
N VAL A 603 -2.86 -15.28 52.04
CA VAL A 603 -2.10 -15.59 53.26
C VAL A 603 -2.55 -14.74 54.44
N GLU A 604 -2.25 -13.44 54.38
CA GLU A 604 -2.51 -12.54 55.50
C GLU A 604 -3.86 -11.85 55.37
N GLN A 605 -4.66 -11.88 56.43
CA GLN A 605 -5.91 -11.15 56.46
C GLN A 605 -6.20 -10.59 57.84
N GLY A 606 -6.72 -9.37 57.89
CA GLY A 606 -7.08 -8.74 59.15
C GLY A 606 -6.96 -7.23 59.10
N ASN A 607 -7.10 -6.59 60.26
CA ASN A 607 -6.97 -5.15 60.37
C ASN A 607 -5.50 -4.74 60.24
N HIS A 608 -5.26 -3.47 59.94
CA HIS A 608 -3.91 -2.95 59.74
C HIS A 608 -2.94 -3.30 60.85
N ASP A 609 -3.30 -2.94 62.08
CA ASP A 609 -2.43 -3.17 63.24
C ASP A 609 -2.05 -4.65 63.34
N GLU A 610 -2.98 -5.52 63.01
CA GLU A 610 -2.76 -6.96 63.06
C GLU A 610 -1.74 -7.38 62.00
N LEU A 611 -1.87 -6.81 60.80
CA LEU A 611 -0.95 -7.09 59.71
C LEU A 611 0.42 -6.50 60.00
N MET A 612 0.46 -5.39 60.72
CA MET A 612 1.72 -4.79 61.12
C MET A 612 2.35 -5.60 62.26
N ARG A 613 1.51 -6.17 63.13
CA ARG A 613 1.98 -7.06 64.18
C ARG A 613 2.43 -8.39 63.58
N GLU A 614 1.79 -8.80 62.49
CA GLU A 614 2.16 -10.02 61.79
C GLU A 614 3.55 -9.88 61.16
N LYS A 615 3.90 -8.65 60.81
CA LYS A 615 5.20 -8.35 60.20
C LYS A 615 5.42 -9.18 58.94
N GLY A 616 4.35 -9.39 58.18
CA GLY A 616 4.39 -10.20 56.98
C GLY A 616 4.60 -9.38 55.72
N ILE A 617 4.03 -9.85 54.62
CA ILE A 617 4.18 -9.20 53.31
C ILE A 617 3.69 -7.75 53.34
N TYR A 618 2.54 -7.53 53.96
CA TYR A 618 1.97 -6.18 54.04
C TYR A 618 2.96 -5.22 54.69
N PHE A 619 3.41 -5.57 55.90
CA PHE A 619 4.43 -4.78 56.61
C PHE A 619 5.65 -4.59 55.73
N LYS A 620 5.98 -5.62 54.96
CA LYS A 620 7.13 -5.57 54.06
C LYS A 620 6.92 -4.50 52.99
N LEU A 621 5.75 -4.49 52.37
CA LEU A 621 5.45 -3.50 51.33
C LEU A 621 5.33 -2.10 51.93
N VAL A 622 4.77 -2.00 53.13
CA VAL A 622 4.71 -0.72 53.83
C VAL A 622 6.13 -0.16 54.03
N MET A 623 6.99 -0.98 54.64
CA MET A 623 8.37 -0.57 54.86
C MET A 623 9.09 -0.30 53.55
N THR A 624 8.80 -1.10 52.53
CA THR A 624 9.40 -0.90 51.21
C THR A 624 8.98 0.44 50.61
N GLN A 625 7.71 0.78 50.77
CA GLN A 625 7.17 2.01 50.22
C GLN A 625 7.20 3.18 51.20
N THR A 626 7.77 2.94 52.38
CA THR A 626 7.88 3.96 53.41
C THR A 626 6.50 4.47 53.83
N PRO A 689 5.48 20.82 -5.48
CA PRO A 689 6.28 21.25 -6.65
C PRO A 689 5.83 20.59 -7.95
N PRO A 690 4.84 21.19 -8.63
CA PRO A 690 4.34 20.60 -9.88
C PRO A 690 5.07 21.12 -11.12
N ALA A 691 4.75 20.54 -12.27
CA ALA A 691 5.12 21.05 -13.59
C ALA A 691 4.66 20.08 -14.67
N SER A 692 4.53 20.57 -15.89
CA SER A 692 4.42 19.72 -17.08
C SER A 692 5.24 20.32 -18.21
N PHE A 693 6.29 19.62 -18.64
CA PHE A 693 7.23 20.17 -19.63
C PHE A 693 7.95 19.06 -20.41
N TRP A 694 8.48 19.43 -21.57
CA TRP A 694 9.08 18.44 -22.47
C TRP A 694 10.61 18.33 -22.41
N ARG A 695 11.27 19.07 -21.53
CA ARG A 695 12.74 19.01 -21.48
C ARG A 695 13.20 17.58 -21.23
N ILE A 696 12.34 16.78 -20.63
CA ILE A 696 12.58 15.35 -20.51
C ILE A 696 12.58 14.72 -21.91
N LEU A 697 11.69 15.19 -22.78
CA LEU A 697 11.68 14.72 -24.17
C LEU A 697 12.87 15.29 -24.94
N LYS A 698 13.24 16.53 -24.65
CA LYS A 698 14.41 17.15 -25.27
C LYS A 698 15.67 16.35 -24.96
N LEU A 699 15.63 15.62 -23.85
CA LEU A 699 16.73 14.74 -23.49
C LEU A 699 16.70 13.50 -24.38
N ASN A 700 15.50 13.05 -24.71
CA ASN A 700 15.33 11.95 -25.65
C ASN A 700 15.66 12.39 -27.07
N SER A 701 15.74 13.71 -27.28
CA SER A 701 16.07 14.26 -28.59
C SER A 701 17.49 13.91 -28.99
N THR A 702 18.25 13.33 -28.06
CA THR A 702 19.57 12.77 -28.36
C THR A 702 19.46 11.85 -29.56
N GLU A 703 18.35 11.11 -29.63
CA GLU A 703 18.06 10.28 -30.78
C GLU A 703 16.99 10.95 -31.66
N TRP A 704 17.43 11.51 -32.78
CA TRP A 704 16.51 11.96 -33.81
C TRP A 704 15.86 10.76 -34.48
N PRO A 705 16.65 9.72 -34.82
CA PRO A 705 16.03 8.49 -35.32
C PRO A 705 15.45 7.62 -34.20
N TYR A 706 15.03 6.40 -34.55
CA TYR A 706 14.42 5.45 -33.62
C TYR A 706 13.01 5.87 -33.18
N PHE A 707 12.59 7.06 -33.60
CA PHE A 707 11.26 7.57 -33.31
C PHE A 707 10.45 7.67 -34.61
N VAL A 708 10.94 8.51 -35.52
CA VAL A 708 10.34 8.66 -36.85
C VAL A 708 10.08 7.29 -37.46
N VAL A 709 11.02 6.38 -37.27
CA VAL A 709 10.88 4.99 -37.73
C VAL A 709 9.65 4.36 -37.08
N GLY A 710 9.59 4.43 -35.77
CA GLY A 710 8.50 3.80 -35.02
C GLY A 710 7.15 4.40 -35.33
N ILE A 711 7.10 5.73 -35.49
CA ILE A 711 5.84 6.41 -35.74
C ILE A 711 5.38 6.22 -37.19
N PHE A 712 6.29 6.38 -38.14
CA PHE A 712 5.99 6.13 -39.54
C PHE A 712 5.51 4.69 -39.68
N CYS A 713 6.25 3.78 -39.04
CA CYS A 713 5.88 2.38 -39.00
C CYS A 713 4.51 2.19 -38.35
N ALA A 714 4.28 2.86 -37.22
CA ALA A 714 3.04 2.71 -36.48
C ALA A 714 1.87 3.37 -37.21
N ILE A 715 2.17 4.35 -38.05
CA ILE A 715 1.14 5.03 -38.83
C ILE A 715 0.79 4.16 -40.03
N ILE A 716 1.80 3.52 -40.63
CA ILE A 716 1.56 2.55 -41.67
C ILE A 716 0.74 1.40 -41.08
N ASN A 717 1.06 1.03 -39.85
CA ASN A 717 0.27 0.05 -39.13
C ASN A 717 -1.16 0.57 -38.94
N GLY A 718 -1.25 1.84 -38.53
CA GLY A 718 -2.54 2.50 -38.39
C GLY A 718 -3.28 2.55 -39.72
N GLY A 719 -2.53 2.63 -40.81
CA GLY A 719 -3.13 2.63 -42.14
C GLY A 719 -3.42 1.21 -42.57
N LEU A 720 -2.67 0.28 -42.00
CA LEU A 720 -2.82 -1.14 -42.32
C LEU A 720 -4.03 -1.73 -41.61
N GLN A 721 -4.33 -1.23 -40.42
CA GLN A 721 -5.40 -1.78 -39.58
C GLN A 721 -6.79 -1.82 -40.23
N PRO A 722 -7.28 -0.68 -40.78
CA PRO A 722 -8.61 -0.71 -41.39
C PRO A 722 -8.66 -1.50 -42.69
N ALA A 723 -7.49 -1.73 -43.30
CA ALA A 723 -7.43 -2.42 -44.57
C ALA A 723 -8.06 -3.80 -44.46
N PHE A 724 -8.02 -4.39 -43.26
CA PHE A 724 -8.69 -5.66 -43.04
C PHE A 724 -10.21 -5.47 -43.11
N SER A 725 -10.68 -4.33 -42.62
CA SER A 725 -12.11 -4.00 -42.69
C SER A 725 -12.55 -3.88 -44.14
N VAL A 726 -11.71 -3.22 -44.94
CA VAL A 726 -12.00 -3.01 -46.34
C VAL A 726 -12.09 -4.36 -47.05
N ILE A 727 -11.20 -5.28 -46.70
CA ILE A 727 -11.24 -6.62 -47.30
C ILE A 727 -12.50 -7.36 -46.88
N PHE A 728 -12.70 -7.50 -45.58
CA PHE A 728 -13.87 -8.22 -45.06
C PHE A 728 -15.16 -7.64 -45.62
N SER A 729 -15.15 -6.35 -45.91
CA SER A 729 -16.29 -5.72 -46.57
C SER A 729 -16.47 -6.29 -47.96
N LYS A 730 -15.40 -6.32 -48.74
CA LYS A 730 -15.47 -6.73 -50.14
C LYS A 730 -15.53 -8.26 -50.32
N VAL A 731 -15.07 -9.01 -49.33
CA VAL A 731 -15.22 -10.47 -49.39
C VAL A 731 -16.69 -10.81 -49.31
N VAL A 732 -17.35 -10.33 -48.27
CA VAL A 732 -18.79 -10.47 -48.16
C VAL A 732 -19.47 -9.60 -49.23
N GLY A 733 -18.83 -8.47 -49.53
CA GLY A 733 -19.38 -7.52 -50.48
C GLY A 733 -19.48 -8.05 -51.89
N VAL A 734 -18.35 -8.54 -52.43
CA VAL A 734 -18.35 -9.07 -53.79
C VAL A 734 -19.22 -10.31 -53.84
N PHE A 735 -19.18 -11.10 -52.78
CA PHE A 735 -19.99 -12.30 -52.70
C PHE A 735 -21.47 -11.94 -52.65
N THR A 736 -21.79 -10.83 -52.00
CA THR A 736 -23.15 -10.30 -51.95
C THR A 736 -23.48 -9.61 -53.26
N ASN A 737 -22.47 -8.95 -53.83
CA ASN A 737 -22.60 -8.22 -55.09
C ASN A 737 -22.23 -9.09 -56.29
N GLY A 738 -21.97 -10.37 -56.03
CA GLY A 738 -21.43 -11.28 -57.03
C GLY A 738 -22.07 -11.32 -58.40
N GLY A 739 -23.40 -11.37 -58.45
CA GLY A 739 -24.07 -11.57 -59.72
C GLY A 739 -23.78 -12.97 -60.23
N PRO A 740 -23.20 -13.10 -61.44
CA PRO A 740 -22.89 -14.45 -61.91
C PRO A 740 -21.88 -15.15 -60.99
N PRO A 741 -22.18 -16.38 -60.54
CA PRO A 741 -21.36 -17.05 -59.53
C PRO A 741 -19.99 -17.50 -60.01
N GLU A 742 -19.86 -17.77 -61.31
CA GLU A 742 -18.64 -18.34 -61.87
C GLU A 742 -17.38 -17.55 -61.48
N THR A 743 -17.53 -16.23 -61.41
CA THR A 743 -16.39 -15.35 -61.12
C THR A 743 -16.10 -15.24 -59.64
N GLN A 744 -17.02 -15.69 -58.80
CA GLN A 744 -16.90 -15.47 -57.36
C GLN A 744 -15.80 -16.30 -56.73
N ARG A 745 -15.86 -17.62 -56.91
CA ARG A 745 -14.95 -18.54 -56.25
C ARG A 745 -13.49 -18.20 -56.52
N GLN A 746 -13.24 -17.56 -57.65
CA GLN A 746 -11.88 -17.15 -58.00
C GLN A 746 -11.44 -15.93 -57.19
N ASN A 747 -12.39 -15.04 -56.87
CA ASN A 747 -12.05 -13.81 -56.17
C ASN A 747 -11.89 -14.00 -54.66
N SER A 748 -12.77 -14.79 -54.06
CA SER A 748 -12.71 -15.06 -52.63
C SER A 748 -11.35 -15.66 -52.27
N ASN A 749 -10.72 -16.30 -53.25
CA ASN A 749 -9.37 -16.82 -53.08
C ASN A 749 -8.32 -15.72 -53.21
N LEU A 750 -8.65 -14.69 -53.99
CA LEU A 750 -7.73 -13.55 -54.15
C LEU A 750 -7.77 -12.66 -52.92
N PHE A 751 -8.96 -12.48 -52.36
CA PHE A 751 -9.12 -11.69 -51.15
C PHE A 751 -8.56 -12.43 -49.94
N SER A 752 -8.99 -13.68 -49.75
CA SER A 752 -8.57 -14.47 -48.59
C SER A 752 -7.05 -14.57 -48.54
N LEU A 753 -6.42 -14.64 -49.70
CA LEU A 753 -4.97 -14.52 -49.79
C LEU A 753 -4.55 -13.19 -49.21
N LEU A 754 -4.94 -12.11 -49.89
CA LEU A 754 -4.63 -10.75 -49.46
C LEU A 754 -4.95 -10.53 -47.98
N PHE A 755 -6.10 -11.06 -47.56
CA PHE A 755 -6.54 -11.01 -46.17
C PHE A 755 -5.42 -11.43 -45.24
N LEU A 756 -4.67 -12.44 -45.66
CA LEU A 756 -3.51 -12.90 -44.91
C LEU A 756 -2.30 -12.01 -45.17
N ILE A 757 -2.21 -11.43 -46.36
CA ILE A 757 -1.01 -10.69 -46.76
C ILE A 757 -0.84 -9.45 -45.89
N LEU A 758 -1.96 -8.83 -45.53
CA LEU A 758 -1.91 -7.71 -44.61
C LEU A 758 -1.51 -8.21 -43.24
N GLY A 759 -1.72 -9.49 -42.98
CA GLY A 759 -1.34 -10.08 -41.72
C GLY A 759 0.17 -10.13 -41.56
N ILE A 760 0.83 -10.82 -42.48
CA ILE A 760 2.27 -11.03 -42.40
C ILE A 760 3.00 -9.69 -42.38
N ILE A 761 2.59 -8.77 -43.24
CA ILE A 761 3.21 -7.45 -43.28
C ILE A 761 2.97 -6.72 -41.96
N SER A 762 1.96 -7.16 -41.21
CA SER A 762 1.70 -6.55 -39.92
C SER A 762 2.77 -6.99 -38.93
N PHE A 763 3.34 -8.17 -39.19
CA PHE A 763 4.36 -8.73 -38.30
C PHE A 763 5.61 -7.89 -38.39
N ILE A 764 5.92 -7.44 -39.59
CA ILE A 764 7.09 -6.61 -39.81
C ILE A 764 6.93 -5.29 -39.08
N THR A 765 5.80 -4.64 -39.26
CA THR A 765 5.58 -3.32 -38.69
C THR A 765 5.42 -3.37 -37.16
N PHE A 766 4.65 -4.32 -36.65
CA PHE A 766 4.37 -4.38 -35.22
C PHE A 766 5.63 -4.64 -34.42
N PHE A 767 6.49 -5.52 -34.92
CA PHE A 767 7.77 -5.78 -34.28
C PHE A 767 8.65 -4.55 -34.32
N LEU A 768 8.66 -3.87 -35.46
CA LEU A 768 9.45 -2.65 -35.62
C LEU A 768 9.10 -1.62 -34.56
N GLN A 769 7.89 -1.06 -34.65
CA GLN A 769 7.47 0.02 -33.75
C GLN A 769 7.65 -0.36 -32.29
N GLY A 770 7.58 -1.66 -32.01
CA GLY A 770 7.79 -2.15 -30.67
C GLY A 770 9.26 -2.15 -30.31
N PHE A 771 10.09 -2.48 -31.30
CA PHE A 771 11.53 -2.59 -31.07
C PHE A 771 12.17 -1.21 -31.01
N THR A 772 11.76 -0.34 -31.92
CA THR A 772 12.29 1.01 -31.98
C THR A 772 11.98 1.77 -30.70
N PHE A 773 10.73 1.76 -30.27
CA PHE A 773 10.33 2.40 -29.02
C PHE A 773 11.01 1.73 -27.83
N GLY A 774 11.15 0.41 -27.88
CA GLY A 774 11.78 -0.32 -26.81
C GLY A 774 13.24 0.08 -26.62
N LYS A 775 14.03 -0.07 -27.68
CA LYS A 775 15.45 0.25 -27.62
C LYS A 775 15.62 1.71 -27.27
N ALA A 776 14.71 2.54 -27.77
CA ALA A 776 14.70 3.96 -27.44
C ALA A 776 14.48 4.16 -25.94
N GLY A 777 13.71 3.25 -25.34
CA GLY A 777 13.37 3.37 -23.94
C GLY A 777 14.55 3.05 -23.06
N GLU A 778 15.27 1.98 -23.40
CA GLU A 778 16.32 1.46 -22.55
C GLU A 778 17.56 2.34 -22.51
N ILE A 779 17.78 3.12 -23.57
CA ILE A 779 18.94 4.00 -23.62
C ILE A 779 18.74 5.24 -22.74
N LEU A 780 17.60 5.90 -22.87
CA LEU A 780 17.36 7.11 -22.08
C LEU A 780 17.29 6.72 -20.61
N THR A 781 16.79 5.51 -20.35
CA THR A 781 16.79 4.98 -18.99
C THR A 781 18.21 4.97 -18.44
N LYS A 782 19.20 4.83 -19.33
CA LYS A 782 20.59 4.85 -18.90
C LYS A 782 20.98 6.31 -18.63
N ARG A 783 20.62 7.19 -19.55
CA ARG A 783 20.97 8.61 -19.45
C ARG A 783 20.35 9.26 -18.22
N LEU A 784 19.08 8.96 -17.96
CA LEU A 784 18.39 9.52 -16.80
C LEU A 784 19.00 9.02 -15.49
N ARG A 785 19.07 7.71 -15.31
CA ARG A 785 19.61 7.13 -14.09
C ARG A 785 21.06 7.53 -13.89
N TYR A 786 21.75 7.78 -14.99
CA TYR A 786 23.14 8.22 -14.96
C TYR A 786 23.26 9.68 -14.53
N MET A 787 22.45 10.55 -15.13
CA MET A 787 22.46 11.97 -14.77
C MET A 787 21.92 12.19 -13.36
N VAL A 788 20.93 11.39 -12.97
CA VAL A 788 20.34 11.50 -11.64
C VAL A 788 21.38 11.06 -10.60
N PHE A 789 21.96 9.87 -10.80
CA PHE A 789 22.93 9.34 -9.86
C PHE A 789 24.12 10.28 -9.74
N LYS A 790 24.70 10.65 -10.88
CA LYS A 790 25.80 11.60 -10.93
C LYS A 790 25.51 12.83 -10.08
N SER A 791 24.46 13.56 -10.44
CA SER A 791 24.08 14.77 -9.71
C SER A 791 23.73 14.46 -8.25
N MET A 792 23.52 13.18 -7.92
CA MET A 792 23.23 12.82 -6.53
C MET A 792 24.52 12.69 -5.74
N LEU A 793 25.64 12.50 -6.45
CA LEU A 793 26.94 12.44 -5.79
C LEU A 793 27.53 13.84 -5.75
N ARG A 794 26.88 14.78 -6.44
CA ARG A 794 27.28 16.19 -6.39
C ARG A 794 26.84 16.81 -5.08
N GLN A 795 25.64 16.44 -4.63
CA GLN A 795 25.05 17.01 -3.42
C GLN A 795 25.94 16.75 -2.21
N ASP A 796 25.91 17.68 -1.25
CA ASP A 796 26.80 17.58 -0.09
C ASP A 796 26.13 16.86 1.07
N VAL A 797 26.88 16.69 2.15
CA VAL A 797 26.43 15.94 3.32
C VAL A 797 25.18 16.58 3.93
N SER A 798 25.10 17.91 3.83
CA SER A 798 23.95 18.66 4.33
C SER A 798 22.64 18.11 3.78
N TRP A 799 22.69 17.68 2.52
CA TRP A 799 21.51 17.13 1.86
C TRP A 799 21.28 15.68 2.26
N PHE A 800 22.37 14.97 2.54
CA PHE A 800 22.30 13.54 2.80
C PHE A 800 21.88 13.22 4.25
N ASP A 801 21.98 14.21 5.13
CA ASP A 801 21.54 14.04 6.52
C ASP A 801 20.03 14.28 6.65
N ASP A 802 19.45 14.85 5.60
CA ASP A 802 18.03 15.20 5.61
C ASP A 802 17.17 13.98 5.93
N PRO A 803 16.24 14.10 6.89
CA PRO A 803 15.34 12.97 7.14
C PRO A 803 14.45 12.67 5.92
N LYS A 804 14.33 13.65 5.03
CA LYS A 804 13.54 13.48 3.81
C LYS A 804 14.25 12.53 2.84
N ASN A 805 15.57 12.58 2.83
CA ASN A 805 16.38 11.75 1.93
C ASN A 805 17.21 10.72 2.68
N THR A 806 16.83 9.45 2.55
CA THR A 806 17.61 8.34 3.09
C THR A 806 17.95 7.39 1.96
N THR A 807 18.90 6.50 2.22
CA THR A 807 19.41 5.59 1.19
C THR A 807 18.30 4.87 0.41
N GLY A 808 17.36 4.30 1.15
CA GLY A 808 16.23 3.60 0.53
C GLY A 808 15.38 4.53 -0.32
N ALA A 809 14.97 5.65 0.28
CA ALA A 809 14.15 6.63 -0.42
C ALA A 809 14.84 7.14 -1.67
N LEU A 810 16.16 7.30 -1.58
CA LEU A 810 16.94 7.79 -2.71
C LEU A 810 17.02 6.75 -3.82
N THR A 811 17.31 5.50 -3.46
CA THR A 811 17.32 4.42 -4.41
C THR A 811 15.95 4.25 -5.08
N THR A 812 14.90 4.37 -4.28
CA THR A 812 13.54 4.23 -4.77
C THR A 812 13.22 5.38 -5.73
N ARG A 813 13.47 6.61 -5.29
CA ARG A 813 13.28 7.78 -6.14
C ARG A 813 14.13 7.64 -7.41
N LEU A 814 15.30 7.03 -7.27
CA LEU A 814 16.20 6.83 -8.40
C LEU A 814 15.62 5.84 -9.40
N ALA A 815 15.13 4.71 -8.90
CA ALA A 815 14.58 3.65 -9.77
C ALA A 815 13.24 4.05 -10.40
N ASN A 816 12.29 4.44 -9.56
CA ASN A 816 10.92 4.68 -9.98
C ASN A 816 10.79 5.70 -11.11
N ASP A 817 11.30 6.91 -10.88
CA ASP A 817 11.16 7.98 -11.87
C ASP A 817 11.66 7.54 -13.25
N ALA A 818 12.88 7.01 -13.28
CA ALA A 818 13.47 6.52 -14.51
C ALA A 818 12.62 5.39 -15.11
N ALA A 819 12.12 4.52 -14.25
CA ALA A 819 11.26 3.44 -14.71
C ALA A 819 9.94 3.98 -15.26
N GLN A 820 9.46 5.08 -14.67
CA GLN A 820 8.15 5.62 -15.01
C GLN A 820 8.16 6.44 -16.30
N VAL A 821 9.21 7.25 -16.49
CA VAL A 821 9.32 8.03 -17.71
C VAL A 821 9.44 7.12 -18.92
N LYS A 822 9.87 5.88 -18.71
CA LYS A 822 10.01 4.93 -19.81
C LYS A 822 8.64 4.50 -20.31
N GLY A 823 7.68 4.34 -19.40
CA GLY A 823 6.34 3.93 -19.75
C GLY A 823 5.60 4.94 -20.61
N ALA A 824 5.79 6.22 -20.33
CA ALA A 824 5.15 7.28 -21.11
C ALA A 824 5.76 7.38 -22.50
N THR A 825 7.08 7.43 -22.54
CA THR A 825 7.82 7.53 -23.80
C THR A 825 7.82 6.19 -24.57
N GLY A 826 7.24 5.16 -23.97
CA GLY A 826 7.28 3.82 -24.52
C GLY A 826 6.10 3.48 -25.41
N SER A 827 5.68 2.22 -25.34
CA SER A 827 4.64 1.67 -26.20
C SER A 827 3.37 2.52 -26.33
N ARG A 828 2.94 3.12 -25.23
CA ARG A 828 1.69 3.86 -25.20
C ARG A 828 1.58 4.86 -26.34
N LEU A 829 2.56 5.76 -26.42
CA LEU A 829 2.60 6.78 -27.47
C LEU A 829 2.46 6.16 -28.86
N ALA A 830 3.23 5.09 -29.10
CA ALA A 830 3.17 4.37 -30.36
C ALA A 830 1.74 3.94 -30.63
N VAL A 831 1.13 3.30 -29.65
CA VAL A 831 -0.24 2.84 -29.77
C VAL A 831 -1.21 4.00 -30.05
N ILE A 832 -1.05 5.12 -29.35
CA ILE A 832 -1.91 6.28 -29.57
C ILE A 832 -1.80 6.76 -31.02
N PHE A 833 -0.56 6.96 -31.49
CA PHE A 833 -0.36 7.37 -32.88
C PHE A 833 -0.99 6.34 -33.82
N GLN A 834 -0.79 5.07 -33.51
CA GLN A 834 -1.35 3.97 -34.29
C GLN A 834 -2.87 4.06 -34.34
N ASN A 835 -3.49 4.41 -33.21
CA ASN A 835 -4.94 4.49 -33.11
C ASN A 835 -5.53 5.73 -33.78
N ILE A 836 -4.89 6.88 -33.61
CA ILE A 836 -5.39 8.08 -34.28
C ILE A 836 -5.23 7.88 -35.79
N ALA A 837 -4.11 7.27 -36.18
CA ALA A 837 -3.89 6.93 -37.58
C ALA A 837 -4.98 5.97 -38.05
N ASN A 838 -5.24 4.96 -37.23
CA ASN A 838 -6.27 3.97 -37.52
C ASN A 838 -7.64 4.62 -37.78
N LEU A 839 -8.12 5.38 -36.80
CA LEU A 839 -9.40 6.06 -36.95
C LEU A 839 -9.35 7.05 -38.09
N GLY A 840 -8.18 7.66 -38.30
CA GLY A 840 -8.03 8.63 -39.38
C GLY A 840 -8.23 8.04 -40.76
N THR A 841 -7.46 7.00 -41.07
CA THR A 841 -7.61 6.34 -42.35
C THR A 841 -9.00 5.75 -42.44
N GLY A 842 -9.43 5.14 -41.34
CA GLY A 842 -10.77 4.59 -41.25
C GLY A 842 -11.85 5.61 -41.60
N ILE A 843 -11.74 6.79 -41.00
CA ILE A 843 -12.79 7.80 -41.16
C ILE A 843 -12.70 8.42 -42.53
N ILE A 844 -11.49 8.54 -43.07
CA ILE A 844 -11.34 9.01 -44.44
C ILE A 844 -12.05 8.05 -45.40
N ILE A 845 -11.75 6.76 -45.28
CA ILE A 845 -12.39 5.75 -46.12
C ILE A 845 -13.91 5.79 -45.95
N SER A 846 -14.37 5.61 -44.72
CA SER A 846 -15.78 5.62 -44.41
C SER A 846 -16.47 6.89 -44.92
N LEU A 847 -15.80 8.02 -44.74
CA LEU A 847 -16.36 9.31 -45.13
C LEU A 847 -16.45 9.40 -46.65
N ILE A 848 -15.40 9.00 -47.35
CA ILE A 848 -15.37 9.17 -48.80
C ILE A 848 -16.28 8.15 -49.48
N TYR A 849 -16.47 6.99 -48.86
CA TYR A 849 -17.41 6.02 -49.40
C TYR A 849 -18.87 6.40 -49.10
N GLY A 850 -19.25 6.31 -47.83
CA GLY A 850 -20.59 6.71 -47.42
C GLY A 850 -20.81 8.21 -47.43
N TRP A 851 -21.89 8.65 -48.08
CA TRP A 851 -22.28 10.05 -48.06
C TRP A 851 -23.43 10.25 -47.08
N GLN A 852 -23.20 11.07 -46.06
CA GLN A 852 -24.15 11.31 -44.97
C GLN A 852 -24.39 10.06 -44.12
N LEU A 853 -23.85 8.93 -44.53
CA LEU A 853 -23.89 7.72 -43.72
C LEU A 853 -22.91 7.93 -42.56
N THR A 854 -21.67 8.23 -42.91
CA THR A 854 -20.64 8.51 -41.93
C THR A 854 -21.06 9.70 -41.06
N LEU A 855 -21.51 10.77 -41.72
CA LEU A 855 -21.98 11.97 -41.02
C LEU A 855 -23.04 11.60 -39.99
N LEU A 856 -23.93 10.68 -40.36
CA LEU A 856 -24.94 10.20 -39.43
C LEU A 856 -24.26 9.48 -38.28
N LEU A 857 -23.41 8.50 -38.58
CA LEU A 857 -22.76 7.72 -37.53
C LEU A 857 -21.98 8.60 -36.55
N LEU A 858 -21.25 9.57 -37.08
CA LEU A 858 -20.43 10.45 -36.24
C LEU A 858 -21.28 11.31 -35.30
N ALA A 859 -22.58 11.37 -35.56
CA ALA A 859 -23.51 12.01 -34.63
C ALA A 859 -23.85 11.04 -33.50
N ILE A 860 -24.00 9.76 -33.83
CA ILE A 860 -24.41 8.75 -32.87
C ILE A 860 -23.29 8.27 -31.96
N VAL A 861 -22.12 7.99 -32.55
CA VAL A 861 -21.03 7.33 -31.81
C VAL A 861 -20.52 8.14 -30.61
N PRO A 862 -20.27 9.45 -30.80
CA PRO A 862 -19.76 10.22 -29.66
C PRO A 862 -20.76 10.27 -28.49
N ILE A 863 -22.04 10.39 -28.80
CA ILE A 863 -23.07 10.49 -27.78
C ILE A 863 -23.09 9.25 -26.88
N ILE A 864 -22.98 8.07 -27.48
CA ILE A 864 -22.98 6.84 -26.70
C ILE A 864 -21.65 6.67 -25.97
N ALA A 865 -20.59 7.25 -26.51
CA ALA A 865 -19.30 7.24 -25.84
C ALA A 865 -19.36 8.11 -24.59
N ILE A 866 -19.73 9.37 -24.79
CA ILE A 866 -19.90 10.32 -23.68
C ILE A 866 -20.91 9.81 -22.66
N ALA A 867 -22.00 9.25 -23.16
CA ALA A 867 -23.00 8.64 -22.30
C ALA A 867 -22.37 7.51 -21.50
N GLY A 868 -21.36 6.89 -22.10
CA GLY A 868 -20.61 5.85 -21.41
C GLY A 868 -19.79 6.44 -20.28
N VAL A 869 -19.14 7.56 -20.57
CA VAL A 869 -18.24 8.21 -19.62
C VAL A 869 -18.99 8.85 -18.45
N VAL A 870 -20.13 9.48 -18.74
CA VAL A 870 -20.91 10.13 -17.68
C VAL A 870 -21.44 9.11 -16.68
N GLU A 871 -21.70 7.89 -17.14
CA GLU A 871 -22.18 6.85 -16.25
C GLU A 871 -21.11 6.55 -15.20
N MET A 872 -19.90 6.29 -15.68
CA MET A 872 -18.78 5.94 -14.82
C MET A 872 -18.54 7.03 -13.78
N LYS A 873 -18.85 8.26 -14.14
CA LYS A 873 -18.70 9.40 -13.23
C LYS A 873 -19.72 9.31 -12.09
N MET A 874 -20.95 8.93 -12.42
CA MET A 874 -22.00 8.78 -11.42
C MET A 874 -21.68 7.61 -10.51
N LEU A 875 -21.15 6.54 -11.10
CA LEU A 875 -20.78 5.34 -10.36
C LEU A 875 -19.76 5.67 -9.28
N SER A 876 -18.76 6.48 -9.64
CA SER A 876 -17.73 6.89 -8.70
C SER A 876 -18.31 7.85 -7.66
N GLY A 877 -19.27 8.66 -8.08
CA GLY A 877 -19.92 9.61 -7.21
C GLY A 877 -20.70 8.91 -6.12
N GLN A 878 -21.59 8.01 -6.53
CA GLN A 878 -22.37 7.23 -5.58
C GLN A 878 -21.47 6.36 -4.71
N ALA A 879 -20.33 5.95 -5.27
CA ALA A 879 -19.39 5.11 -4.54
C ALA A 879 -18.71 5.91 -3.45
N LEU A 880 -18.25 7.11 -3.80
CA LEU A 880 -17.56 7.95 -2.83
C LEU A 880 -18.51 8.39 -1.72
N LYS A 881 -19.74 8.72 -2.09
CA LYS A 881 -20.73 9.17 -1.12
C LYS A 881 -21.08 8.06 -0.13
N ASP A 882 -21.24 6.84 -0.63
CA ASP A 882 -21.58 5.71 0.20
C ASP A 882 -20.48 5.41 1.20
N LYS A 883 -19.23 5.55 0.76
CA LYS A 883 -18.07 5.33 1.64
C LYS A 883 -18.11 6.31 2.82
N LYS A 884 -18.59 7.52 2.58
CA LYS A 884 -18.62 8.56 3.59
C LYS A 884 -19.70 8.28 4.65
N GLU A 885 -20.78 7.63 4.24
CA GLU A 885 -21.92 7.38 5.13
C GLU A 885 -21.67 6.20 6.06
N LEU A 886 -21.06 5.14 5.54
CA LEU A 886 -20.76 3.95 6.35
C LEU A 886 -19.52 4.20 7.22
N GLU A 887 -18.73 5.20 6.85
CA GLU A 887 -17.56 5.58 7.66
C GLU A 887 -18.02 6.08 9.02
N GLY A 888 -19.14 6.81 9.03
CA GLY A 888 -19.70 7.31 10.28
C GLY A 888 -20.24 6.17 11.13
N SER A 889 -20.78 5.15 10.47
CA SER A 889 -21.32 3.98 11.15
C SER A 889 -20.20 3.06 11.62
N GLY A 890 -19.12 3.00 10.83
CA GLY A 890 -17.95 2.23 11.22
C GLY A 890 -17.19 2.92 12.34
N LYS A 891 -17.35 4.24 12.41
CA LYS A 891 -16.68 5.04 13.42
C LYS A 891 -17.31 4.81 14.79
N ILE A 892 -18.62 4.60 14.80
CA ILE A 892 -19.34 4.33 16.05
C ILE A 892 -19.22 2.85 16.41
N ALA A 893 -18.82 2.04 15.44
CA ALA A 893 -18.51 0.64 15.69
C ALA A 893 -17.15 0.52 16.37
N THR A 894 -16.17 1.22 15.81
CA THR A 894 -14.82 1.20 16.35
C THR A 894 -14.79 1.72 17.79
N GLU A 895 -15.54 2.78 18.03
CA GLU A 895 -15.67 3.32 19.38
C GLU A 895 -16.22 2.26 20.32
N ALA A 896 -17.10 1.40 19.79
CA ALA A 896 -17.80 0.42 20.61
C ALA A 896 -16.94 -0.80 20.91
N ILE A 897 -16.21 -1.31 19.91
CA ILE A 897 -15.47 -2.55 20.09
C ILE A 897 -14.03 -2.34 20.57
N GLU A 898 -13.54 -1.10 20.54
CA GLU A 898 -12.20 -0.81 21.06
C GLU A 898 -12.21 -0.62 22.58
N ASN A 899 -13.25 0.05 23.06
CA ASN A 899 -13.43 0.32 24.49
C ASN A 899 -14.27 -0.76 25.15
N PHE A 900 -14.55 -1.83 24.41
CA PHE A 900 -15.57 -2.81 24.75
C PHE A 900 -15.55 -3.25 26.21
N ARG A 901 -14.38 -3.60 26.73
CA ARG A 901 -14.31 -4.12 28.09
C ARG A 901 -14.91 -3.13 29.08
N THR A 902 -15.03 -1.87 28.67
CA THR A 902 -15.76 -0.89 29.45
C THR A 902 -17.27 -0.99 29.20
N VAL A 903 -17.68 -1.17 27.94
CA VAL A 903 -19.10 -1.13 27.62
C VAL A 903 -19.81 -2.35 28.22
N VAL A 904 -19.14 -3.48 28.25
CA VAL A 904 -19.71 -4.68 28.84
C VAL A 904 -19.97 -4.47 30.32
N SER A 905 -19.13 -3.67 30.97
CA SER A 905 -19.25 -3.42 32.40
C SER A 905 -20.40 -2.48 32.70
N LEU A 906 -20.66 -1.56 31.78
CA LEU A 906 -21.74 -0.59 31.92
C LEU A 906 -23.01 -1.09 31.27
N THR A 907 -22.93 -2.27 30.68
CA THR A 907 -24.01 -2.79 29.83
C THR A 907 -24.27 -1.74 28.74
N ARG A 908 -25.55 -1.50 28.42
CA ARG A 908 -25.90 -0.51 27.40
C ARG A 908 -25.24 -0.85 26.04
N GLU A 909 -25.03 -2.13 25.79
CA GLU A 909 -24.60 -2.58 24.47
C GLU A 909 -25.74 -2.32 23.50
N GLN A 910 -26.96 -2.59 23.94
CA GLN A 910 -28.16 -2.34 23.15
C GLN A 910 -28.21 -0.89 22.68
N LYS A 911 -27.59 0.00 23.44
CA LYS A 911 -27.46 1.39 23.06
C LYS A 911 -26.66 1.47 21.76
N PHE A 912 -25.45 0.92 21.78
CA PHE A 912 -24.60 0.91 20.58
C PHE A 912 -25.29 0.14 19.45
N GLU A 913 -26.07 -0.89 19.81
CA GLU A 913 -26.87 -1.59 18.80
C GLU A 913 -27.78 -0.60 18.09
N THR A 914 -28.60 0.10 18.87
CA THR A 914 -29.54 1.06 18.31
C THR A 914 -28.84 2.15 17.51
N MET A 915 -27.79 2.73 18.09
CA MET A 915 -27.05 3.80 17.42
C MET A 915 -26.43 3.28 16.12
N TYR A 916 -25.92 2.06 16.15
CA TYR A 916 -25.38 1.43 14.96
C TYR A 916 -26.49 1.28 13.93
N ALA A 917 -27.66 0.84 14.37
CA ALA A 917 -28.80 0.67 13.46
C ALA A 917 -29.17 1.98 12.79
N GLN A 918 -29.44 3.00 13.61
CA GLN A 918 -29.78 4.31 13.08
C GLN A 918 -28.69 4.82 12.15
N SER A 919 -27.44 4.60 12.53
CA SER A 919 -26.31 4.96 11.68
C SER A 919 -26.39 4.21 10.36
N LEU A 920 -26.80 2.95 10.42
CA LEU A 920 -26.95 2.14 9.21
C LEU A 920 -28.15 2.54 8.37
N GLN A 921 -29.20 3.04 9.01
CA GLN A 921 -30.44 3.37 8.32
C GLN A 921 -30.25 4.28 7.11
N ILE A 922 -29.34 5.25 7.22
CA ILE A 922 -29.16 6.20 6.12
C ILE A 922 -28.55 5.51 4.89
N PRO A 923 -27.40 4.82 5.04
CA PRO A 923 -26.90 4.08 3.88
C PRO A 923 -27.90 3.10 3.28
N TYR A 924 -28.81 2.58 4.10
CA TYR A 924 -29.79 1.61 3.64
C TYR A 924 -30.71 2.23 2.60
N ARG A 925 -31.25 3.41 2.90
CA ARG A 925 -32.09 4.12 1.95
C ARG A 925 -31.29 4.53 0.71
N ASN A 926 -30.01 4.80 0.90
CA ASN A 926 -29.13 5.15 -0.21
C ASN A 926 -28.96 3.97 -1.15
N ALA A 927 -28.89 2.77 -0.58
CA ALA A 927 -28.69 1.56 -1.37
C ALA A 927 -29.92 1.20 -2.19
N MET A 928 -31.09 1.64 -1.73
CA MET A 928 -32.32 1.44 -2.48
C MET A 928 -32.33 2.31 -3.71
N LYS A 929 -31.91 3.56 -3.55
CA LYS A 929 -31.79 4.48 -4.68
C LYS A 929 -30.71 4.00 -5.64
N LYS A 930 -29.67 3.37 -5.12
CA LYS A 930 -28.56 2.89 -5.94
C LYS A 930 -29.03 1.95 -7.03
N ALA A 931 -29.88 1.00 -6.67
CA ALA A 931 -30.40 0.03 -7.63
C ALA A 931 -31.14 0.77 -8.74
N HIS A 932 -32.02 1.67 -8.33
CA HIS A 932 -32.82 2.45 -9.26
C HIS A 932 -31.94 3.13 -10.29
N VAL A 933 -30.83 3.71 -9.83
CA VAL A 933 -29.91 4.45 -10.69
C VAL A 933 -29.04 3.51 -11.53
N PHE A 934 -28.50 2.48 -10.90
CA PHE A 934 -27.62 1.55 -11.60
C PHE A 934 -28.34 0.93 -12.78
N GLY A 935 -29.63 0.68 -12.61
CA GLY A 935 -30.42 0.11 -13.69
C GLY A 935 -30.55 1.06 -14.87
N ILE A 936 -31.11 2.24 -14.60
CA ILE A 936 -31.40 3.23 -15.64
C ILE A 936 -30.15 3.53 -16.44
N THR A 937 -29.06 3.81 -15.73
CA THR A 937 -27.80 4.14 -16.38
C THR A 937 -27.32 3.01 -17.29
N PHE A 938 -27.43 1.78 -16.79
CA PHE A 938 -26.99 0.62 -17.57
C PHE A 938 -27.89 0.42 -18.80
N SER A 939 -29.19 0.30 -18.55
CA SER A 939 -30.14 0.03 -19.62
C SER A 939 -30.12 1.12 -20.68
N PHE A 940 -29.97 2.37 -20.26
CA PHE A 940 -29.89 3.49 -21.20
C PHE A 940 -28.70 3.30 -22.13
N THR A 941 -27.62 2.76 -21.59
CA THR A 941 -26.40 2.54 -22.37
C THR A 941 -26.50 1.30 -23.27
N GLN A 942 -27.35 0.35 -22.89
CA GLN A 942 -27.63 -0.78 -23.77
C GLN A 942 -28.58 -0.35 -24.89
N ALA A 943 -29.67 0.29 -24.51
CA ALA A 943 -30.71 0.68 -25.45
C ALA A 943 -30.17 1.63 -26.52
N MET A 944 -29.30 2.54 -26.10
CA MET A 944 -28.70 3.51 -27.02
C MET A 944 -27.86 2.79 -28.07
N MET A 945 -27.15 1.75 -27.67
CA MET A 945 -26.32 0.99 -28.59
C MET A 945 -27.17 0.16 -29.56
N TYR A 946 -28.25 -0.41 -29.06
CA TYR A 946 -29.15 -1.20 -29.89
C TYR A 946 -29.98 -0.30 -30.82
N PHE A 947 -30.52 0.79 -30.27
CA PHE A 947 -31.27 1.74 -31.08
C PHE A 947 -30.36 2.38 -32.13
N SER A 948 -29.10 2.56 -31.77
CA SER A 948 -28.11 3.07 -32.73
C SER A 948 -28.00 2.09 -33.88
N TYR A 949 -27.98 0.81 -33.55
CA TYR A 949 -27.86 -0.24 -34.56
C TYR A 949 -29.07 -0.27 -35.49
N ALA A 950 -30.20 0.25 -35.03
CA ALA A 950 -31.41 0.31 -35.84
C ALA A 950 -31.33 1.43 -36.87
N ALA A 951 -30.94 2.62 -36.41
CA ALA A 951 -30.77 3.76 -37.31
C ALA A 951 -29.67 3.49 -38.33
N CYS A 952 -28.74 2.60 -37.97
CA CYS A 952 -27.64 2.24 -38.83
C CYS A 952 -28.11 1.60 -40.14
N PHE A 953 -28.85 0.50 -40.03
CA PHE A 953 -29.34 -0.19 -41.22
C PHE A 953 -30.59 0.47 -41.77
N ARG A 954 -31.30 1.23 -40.94
CA ARG A 954 -32.50 1.91 -41.41
C ARG A 954 -32.10 3.05 -42.33
N PHE A 955 -31.07 3.79 -41.94
CA PHE A 955 -30.49 4.81 -42.82
C PHE A 955 -29.59 4.13 -43.84
N GLY A 956 -28.98 3.01 -43.47
CA GLY A 956 -28.18 2.23 -44.40
C GLY A 956 -29.05 1.75 -45.53
N ALA A 957 -30.23 1.22 -45.17
CA ALA A 957 -31.25 0.89 -46.14
C ALA A 957 -32.12 2.11 -46.39
N TYR A 958 -33.25 1.92 -47.07
CA TYR A 958 -34.21 3.00 -47.31
C TYR A 958 -33.51 4.16 -48.06
N LEU A 959 -33.40 5.32 -47.43
CA LEU A 959 -32.90 6.53 -48.09
C LEU A 959 -31.58 6.31 -48.84
N VAL A 960 -30.67 5.56 -48.24
CA VAL A 960 -29.37 5.30 -48.86
C VAL A 960 -29.44 4.18 -49.90
N THR A 961 -30.16 3.10 -49.61
CA THR A 961 -30.23 1.97 -50.54
C THR A 961 -31.33 2.16 -51.60
N GLN A 962 -32.27 3.06 -51.36
CA GLN A 962 -33.22 3.44 -52.40
C GLN A 962 -32.45 4.27 -53.41
N GLN A 963 -31.40 4.91 -52.93
CA GLN A 963 -30.39 5.55 -53.76
C GLN A 963 -29.46 4.45 -54.29
N LEU A 964 -28.47 4.84 -55.08
CA LEU A 964 -27.57 3.86 -55.70
C LEU A 964 -26.42 3.41 -54.79
N MET A 965 -26.37 3.94 -53.57
CA MET A 965 -25.37 3.51 -52.60
C MET A 965 -25.61 2.06 -52.20
N THR A 966 -24.55 1.34 -51.84
CA THR A 966 -24.61 -0.12 -51.73
C THR A 966 -24.29 -0.65 -50.33
N PHE A 967 -24.73 -1.89 -50.08
CA PHE A 967 -24.58 -2.58 -48.81
C PHE A 967 -23.13 -2.86 -48.44
N GLU A 968 -22.32 -3.19 -49.45
CA GLU A 968 -20.91 -3.49 -49.26
C GLU A 968 -20.15 -2.32 -48.65
N ASN A 969 -20.59 -1.10 -48.95
CA ASN A 969 -19.99 0.09 -48.37
C ASN A 969 -20.46 0.32 -46.94
N VAL A 970 -21.74 0.08 -46.71
CA VAL A 970 -22.32 0.17 -45.36
C VAL A 970 -21.53 -0.73 -44.42
N LEU A 971 -21.42 -2.01 -44.81
CA LEU A 971 -20.68 -2.99 -44.04
C LEU A 971 -19.23 -2.54 -43.79
N LEU A 972 -18.69 -1.78 -44.73
CA LEU A 972 -17.32 -1.28 -44.62
C LEU A 972 -17.25 -0.13 -43.62
N VAL A 973 -18.17 0.83 -43.75
CA VAL A 973 -18.19 1.99 -42.88
C VAL A 973 -18.35 1.55 -41.43
N PHE A 974 -19.35 0.71 -41.15
CA PHE A 974 -19.58 0.31 -39.77
C PHE A 974 -18.32 -0.26 -39.14
N SER A 975 -17.74 -1.27 -39.80
CA SER A 975 -16.49 -1.86 -39.37
C SER A 975 -15.44 -0.79 -39.11
N ALA A 976 -15.08 -0.05 -40.15
CA ALA A 976 -14.07 0.99 -40.06
C ALA A 976 -14.30 1.93 -38.88
N ILE A 977 -15.43 2.63 -38.91
CA ILE A 977 -15.77 3.60 -37.87
C ILE A 977 -15.75 3.00 -36.46
N VAL A 978 -16.56 1.96 -36.25
CA VAL A 978 -16.72 1.45 -34.91
C VAL A 978 -15.36 0.94 -34.40
N PHE A 979 -14.60 0.26 -35.25
CA PHE A 979 -13.30 -0.23 -34.82
C PHE A 979 -12.38 0.94 -34.52
N GLY A 980 -12.43 1.97 -35.35
CA GLY A 980 -11.67 3.19 -35.10
C GLY A 980 -11.95 3.74 -33.72
N ALA A 981 -13.23 3.81 -33.36
CA ALA A 981 -13.61 4.24 -32.03
C ALA A 981 -13.04 3.30 -30.96
N MET A 982 -13.25 2.01 -31.17
CA MET A 982 -12.76 1.03 -30.22
C MET A 982 -11.23 1.06 -30.13
N ALA A 983 -10.59 1.61 -31.15
CA ALA A 983 -9.17 1.93 -31.05
C ALA A 983 -8.94 3.20 -30.22
N VAL A 984 -9.76 4.23 -30.45
CA VAL A 984 -9.70 5.44 -29.64
C VAL A 984 -9.85 5.15 -28.15
N GLY A 985 -10.65 4.16 -27.78
CA GLY A 985 -10.78 3.76 -26.38
C GLY A 985 -9.45 3.61 -25.64
N GLN A 986 -8.47 3.02 -26.33
CA GLN A 986 -7.15 2.82 -25.74
C GLN A 986 -6.51 4.14 -25.32
N VAL A 987 -6.93 5.23 -25.94
CA VAL A 987 -6.45 6.55 -25.56
C VAL A 987 -6.88 6.85 -24.13
N SER A 988 -8.16 6.66 -23.85
CA SER A 988 -8.67 6.87 -22.51
C SER A 988 -8.04 5.87 -21.55
N SER A 989 -7.86 4.64 -22.02
CA SER A 989 -7.22 3.62 -21.18
C SER A 989 -5.79 3.98 -20.77
N PHE A 990 -5.06 4.65 -21.65
CA PHE A 990 -3.64 4.95 -21.44
C PHE A 990 -3.41 6.32 -20.77
N ALA A 991 -4.49 6.98 -20.38
CA ALA A 991 -4.42 8.33 -19.81
C ALA A 991 -3.54 8.47 -18.54
N PRO A 992 -3.74 7.59 -17.53
CA PRO A 992 -3.06 7.84 -16.25
C PRO A 992 -1.54 7.72 -16.32
N ASP A 993 -1.05 6.90 -17.25
CA ASP A 993 0.38 6.64 -17.39
C ASP A 993 1.19 7.93 -17.51
N TYR A 994 0.73 8.84 -18.36
CA TYR A 994 1.44 10.09 -18.59
C TYR A 994 1.42 10.99 -17.36
N ALA A 995 0.26 11.03 -16.69
CA ALA A 995 0.12 11.80 -15.46
C ALA A 995 1.15 11.31 -14.43
N LYS A 996 1.09 10.01 -14.14
CA LYS A 996 2.03 9.40 -13.19
C LYS A 996 3.46 9.68 -13.63
N ALA A 997 3.71 9.48 -14.92
CA ALA A 997 5.05 9.69 -15.47
C ALA A 997 5.47 11.15 -15.36
N THR A 998 4.50 12.06 -15.42
CA THR A 998 4.78 13.48 -15.31
C THR A 998 5.14 13.84 -13.87
N VAL A 999 4.32 13.35 -12.93
CA VAL A 999 4.63 13.52 -11.51
C VAL A 999 6.00 12.94 -11.22
N SER A 1000 6.30 11.81 -11.84
CA SER A 1000 7.60 11.16 -11.70
C SER A 1000 8.69 11.91 -12.47
N ALA A 1001 8.32 12.55 -13.56
CA ALA A 1001 9.28 13.31 -14.38
C ALA A 1001 9.52 14.68 -13.78
N SER A 1002 8.60 15.12 -12.92
CA SER A 1002 8.75 16.40 -12.24
C SER A 1002 9.98 16.38 -11.35
N HIS A 1003 10.10 15.35 -10.52
CA HIS A 1003 11.20 15.24 -9.57
C HIS A 1003 12.54 15.02 -10.26
N ILE A 1004 12.53 14.21 -11.32
CA ILE A 1004 13.77 13.72 -11.91
C ILE A 1004 14.57 14.84 -12.58
N ILE A 1005 13.89 15.91 -12.99
CA ILE A 1005 14.57 17.08 -13.51
C ILE A 1005 15.07 17.97 -12.36
N ARG A 1006 14.22 18.14 -11.35
CA ARG A 1006 14.56 18.97 -10.20
C ARG A 1006 15.80 18.43 -9.50
N ILE A 1007 15.87 17.12 -9.35
CA ILE A 1007 16.96 16.47 -8.64
C ILE A 1007 18.28 16.67 -9.36
N ILE A 1008 18.22 16.76 -10.68
CA ILE A 1008 19.39 17.06 -11.49
C ILE A 1008 19.74 18.53 -11.35
N GLU A 1009 18.75 19.39 -11.55
CA GLU A 1009 18.97 20.83 -11.56
C GLU A 1009 19.40 21.39 -10.21
N LYS A 1010 19.19 20.63 -9.13
CA LYS A 1010 19.58 21.09 -7.82
C LYS A 1010 21.09 21.12 -7.70
N THR A 1011 21.63 22.24 -7.22
CA THR A 1011 23.06 22.40 -7.02
C THR A 1011 23.34 22.53 -5.52
N PRO A 1012 24.54 22.15 -5.08
CA PRO A 1012 24.88 22.25 -3.67
C PRO A 1012 25.55 23.57 -3.29
N GLU A 1013 25.83 23.76 -2.01
CA GLU A 1013 26.64 24.87 -1.56
C GLU A 1013 28.11 24.53 -1.81
N ILE A 1014 28.48 23.32 -1.42
CA ILE A 1014 29.79 22.76 -1.69
C ILE A 1014 29.67 21.67 -2.75
N ASP A 1015 30.17 21.92 -3.95
CA ASP A 1015 30.24 20.89 -4.98
C ASP A 1015 31.67 20.45 -5.13
N SER A 1016 31.87 19.14 -5.21
CA SER A 1016 33.21 18.57 -5.33
C SER A 1016 33.67 18.59 -6.77
N TYR A 1017 32.73 18.84 -7.69
CA TYR A 1017 33.01 18.77 -9.12
C TYR A 1017 33.72 20.02 -9.66
N SER A 1018 33.66 21.12 -8.92
CA SER A 1018 34.30 22.35 -9.36
C SER A 1018 35.81 22.17 -9.43
N THR A 1019 36.40 22.48 -10.58
CA THR A 1019 37.84 22.39 -10.77
C THR A 1019 38.54 23.63 -10.22
N GLN A 1020 37.74 24.59 -9.75
CA GLN A 1020 38.25 25.79 -9.11
C GLN A 1020 38.90 25.46 -7.75
N GLY A 1021 39.65 26.40 -7.22
CA GLY A 1021 40.41 26.20 -5.99
C GLY A 1021 41.91 26.20 -6.22
N LEU A 1022 42.66 26.44 -5.15
CA LEU A 1022 44.07 26.83 -5.24
C LEU A 1022 45.05 25.70 -5.54
N LYS A 1023 44.89 24.55 -4.88
CA LYS A 1023 45.84 23.44 -4.98
C LYS A 1023 47.25 23.87 -4.58
N PRO A 1024 47.45 24.25 -3.30
CA PRO A 1024 48.73 24.76 -2.80
C PRO A 1024 49.94 23.85 -3.09
N ASN A 1025 51.10 24.46 -3.30
CA ASN A 1025 52.31 23.71 -3.60
C ASN A 1025 53.11 23.31 -2.37
N MET A 1026 52.75 23.86 -1.20
CA MET A 1026 53.50 23.61 0.02
C MET A 1026 52.91 22.46 0.82
N LEU A 1027 53.77 21.51 1.17
CA LEU A 1027 53.33 20.26 1.79
C LEU A 1027 52.87 20.41 3.25
N GLU A 1028 53.72 20.97 4.10
CA GLU A 1028 53.53 20.88 5.55
C GLU A 1028 52.21 21.48 6.01
N GLY A 1029 51.44 20.68 6.75
CA GLY A 1029 50.17 21.13 7.27
C GLY A 1029 50.19 21.63 8.70
N ASN A 1030 49.26 22.54 8.98
CA ASN A 1030 48.86 22.90 10.35
C ASN A 1030 47.34 22.90 10.35
N VAL A 1031 46.72 23.15 11.50
CA VAL A 1031 45.28 23.37 11.52
C VAL A 1031 44.92 24.51 12.47
N GLN A 1032 44.38 25.57 11.88
CA GLN A 1032 43.90 26.72 12.65
C GLN A 1032 42.39 26.71 12.69
N PHE A 1033 41.85 26.42 13.86
CA PHE A 1033 40.43 26.66 14.12
C PHE A 1033 40.35 27.97 14.90
N SER A 1034 39.62 28.93 14.35
CA SER A 1034 39.52 30.25 14.96
C SER A 1034 38.08 30.75 15.04
N GLY A 1035 37.58 30.90 16.26
CA GLY A 1035 36.27 31.45 16.51
C GLY A 1035 35.16 30.80 15.71
N VAL A 1036 35.11 29.47 15.73
CA VAL A 1036 34.13 28.73 14.94
C VAL A 1036 32.80 28.58 15.67
N VAL A 1037 31.72 28.78 14.93
CA VAL A 1037 30.37 28.51 15.42
C VAL A 1037 29.69 27.57 14.43
N PHE A 1038 29.09 26.49 14.92
CA PHE A 1038 28.43 25.54 14.03
C PHE A 1038 27.15 24.96 14.59
N ASN A 1039 26.12 24.95 13.75
CA ASN A 1039 24.90 24.20 14.00
C ASN A 1039 24.64 23.26 12.82
N TYR A 1040 24.31 22.01 13.11
CA TYR A 1040 24.01 21.06 12.05
C TYR A 1040 22.72 21.46 11.32
N PRO A 1041 22.75 21.50 9.96
CA PRO A 1041 21.59 21.95 9.19
C PRO A 1041 20.31 21.17 9.49
N THR A 1042 20.44 19.92 9.91
CA THR A 1042 19.29 19.08 10.22
C THR A 1042 18.62 19.53 11.52
N ARG A 1043 19.45 19.94 12.48
CA ARG A 1043 18.98 20.32 13.80
C ARG A 1043 19.58 21.65 14.23
N PRO A 1044 19.09 22.76 13.66
CA PRO A 1044 19.54 24.10 14.04
C PRO A 1044 18.89 24.60 15.32
N SER A 1045 18.95 23.77 16.36
CA SER A 1045 18.38 24.09 17.66
C SER A 1045 19.49 24.16 18.70
N ILE A 1046 20.03 23.00 19.05
CA ILE A 1046 21.13 22.92 20.00
C ILE A 1046 22.44 23.04 19.24
N PRO A 1047 23.17 24.16 19.43
CA PRO A 1047 24.44 24.32 18.72
C PRO A 1047 25.54 23.39 19.22
N VAL A 1048 26.25 22.75 18.31
CA VAL A 1048 27.34 21.86 18.70
C VAL A 1048 28.62 22.66 19.02
N LEU A 1049 28.93 23.64 18.17
CA LEU A 1049 30.14 24.44 18.32
C LEU A 1049 29.80 25.91 18.46
N GLN A 1050 30.42 26.55 19.45
CA GLN A 1050 30.31 27.98 19.64
C GLN A 1050 31.70 28.55 19.92
N GLY A 1051 32.22 29.35 19.00
CA GLY A 1051 33.50 30.01 19.17
C GLY A 1051 34.65 29.07 19.50
N LEU A 1052 34.66 27.90 18.88
CA LEU A 1052 35.74 26.93 19.10
C LEU A 1052 37.01 27.40 18.40
N SER A 1053 38.13 27.35 19.10
CA SER A 1053 39.43 27.71 18.50
C SER A 1053 40.58 26.80 18.90
N LEU A 1054 41.23 26.21 17.90
CA LEU A 1054 42.30 25.24 18.09
C LEU A 1054 43.51 25.57 17.23
N GLU A 1055 44.68 25.15 17.67
CA GLU A 1055 45.86 25.21 16.82
C GLU A 1055 46.76 24.00 17.08
N VAL A 1056 47.20 23.38 16.00
CA VAL A 1056 48.11 22.24 16.07
C VAL A 1056 49.18 22.36 14.99
N LYS A 1057 50.45 22.36 15.40
CA LYS A 1057 51.55 22.50 14.46
C LYS A 1057 51.71 21.20 13.66
N LYS A 1058 52.68 21.16 12.75
CA LYS A 1058 52.92 19.96 11.95
C LYS A 1058 53.62 18.91 12.79
N GLY A 1059 53.44 17.64 12.41
CA GLY A 1059 54.19 16.55 13.01
C GLY A 1059 54.01 16.42 14.50
N GLN A 1060 52.82 16.75 14.99
CA GLN A 1060 52.49 16.54 16.40
C GLN A 1060 51.03 16.13 16.56
N THR A 1061 50.78 15.29 17.56
CA THR A 1061 49.45 14.76 17.83
C THR A 1061 48.59 15.73 18.61
N LEU A 1062 47.39 16.01 18.09
CA LEU A 1062 46.41 16.81 18.81
C LEU A 1062 45.36 15.91 19.45
N ALA A 1063 45.40 15.82 20.77
CA ALA A 1063 44.44 15.02 21.50
C ALA A 1063 43.23 15.85 21.86
N LEU A 1064 42.04 15.33 21.57
CA LEU A 1064 40.82 16.08 21.81
C LEU A 1064 39.83 15.32 22.70
N VAL A 1065 39.62 15.85 23.91
CA VAL A 1065 38.74 15.26 24.90
C VAL A 1065 37.48 16.10 25.01
N GLY A 1066 36.35 15.46 25.29
CA GLY A 1066 35.09 16.18 25.44
C GLY A 1066 34.11 15.48 26.35
N SER A 1067 33.20 16.25 26.92
CA SER A 1067 32.17 15.71 27.80
C SER A 1067 31.36 14.66 27.07
N SER A 1068 30.80 15.06 25.93
CA SER A 1068 30.03 14.15 25.08
C SER A 1068 29.53 14.88 23.84
N GLY A 1069 29.15 14.12 22.83
CA GLY A 1069 28.59 14.66 21.61
C GLY A 1069 29.56 14.69 20.45
N CYS A 1070 29.09 15.23 19.33
CA CYS A 1070 29.87 15.27 18.10
C CYS A 1070 30.82 16.46 18.08
N GLY A 1071 30.82 17.24 19.15
CA GLY A 1071 31.68 18.41 19.27
C GLY A 1071 33.14 18.07 19.00
N LYS A 1072 33.54 16.87 19.43
CA LYS A 1072 34.87 16.37 19.15
C LYS A 1072 35.02 16.03 17.67
N SER A 1073 34.01 15.37 17.12
CA SER A 1073 34.04 14.88 15.75
C SER A 1073 33.77 15.99 14.73
N THR A 1074 33.01 16.99 15.14
CA THR A 1074 32.66 18.10 14.24
C THR A 1074 33.93 18.76 13.74
N VAL A 1075 34.98 18.76 14.57
CA VAL A 1075 36.29 19.24 14.16
C VAL A 1075 36.73 18.49 12.91
N VAL A 1076 36.69 17.17 12.98
CA VAL A 1076 37.12 16.32 11.89
C VAL A 1076 36.18 16.51 10.70
N GLN A 1077 34.89 16.67 10.98
CA GLN A 1077 33.91 16.83 9.90
C GLN A 1077 34.09 18.16 9.18
N LEU A 1078 34.47 19.19 9.93
CA LEU A 1078 34.65 20.52 9.35
C LEU A 1078 35.98 20.64 8.64
N LEU A 1079 37.02 20.00 9.17
CA LEU A 1079 38.32 20.00 8.49
C LEU A 1079 38.21 19.28 7.14
N GLU A 1080 37.34 18.27 7.07
CA GLU A 1080 37.03 17.62 5.81
C GLU A 1080 36.17 18.53 4.95
N ARG A 1081 35.61 19.55 5.59
CA ARG A 1081 34.72 20.49 4.94
C ARG A 1081 33.48 19.81 4.39
N PHE A 1082 32.84 18.99 5.22
CA PHE A 1082 31.51 18.50 4.90
C PHE A 1082 30.53 19.65 5.09
N TYR A 1083 30.91 20.60 5.94
CA TYR A 1083 30.15 21.81 6.18
C TYR A 1083 31.07 23.01 6.33
N ASP A 1084 30.62 24.17 5.85
CA ASP A 1084 31.23 25.45 6.19
C ASP A 1084 30.52 25.96 7.44
N PRO A 1085 31.29 26.42 8.44
CA PRO A 1085 30.64 26.87 9.68
C PRO A 1085 29.83 28.16 9.50
N MET A 1086 28.82 28.33 10.34
CA MET A 1086 27.96 29.51 10.30
C MET A 1086 28.79 30.78 10.41
N ALA A 1087 29.65 30.81 11.43
CA ALA A 1087 30.56 31.93 11.63
C ALA A 1087 31.91 31.40 12.07
N GLY A 1088 32.95 32.19 11.82
CA GLY A 1088 34.31 31.75 12.10
C GLY A 1088 34.97 31.26 10.84
N SER A 1089 36.17 30.71 11.00
CA SER A 1089 36.93 30.22 9.86
C SER A 1089 37.96 29.19 10.29
N VAL A 1090 38.46 28.41 9.33
CA VAL A 1090 39.47 27.40 9.61
C VAL A 1090 40.52 27.32 8.50
N PHE A 1091 41.79 27.34 8.91
CA PHE A 1091 42.92 27.38 7.98
C PHE A 1091 43.76 26.13 8.15
N LEU A 1092 44.56 25.80 7.15
CA LEU A 1092 45.47 24.65 7.24
C LEU A 1092 46.93 25.09 7.05
N ASP A 1093 47.26 25.59 5.87
CA ASP A 1093 48.62 26.06 5.59
C ASP A 1093 48.69 27.55 5.91
N GLY A 1094 47.60 28.09 6.46
CA GLY A 1094 47.44 29.51 6.65
C GLY A 1094 46.40 30.05 5.68
N LYS A 1095 46.05 29.22 4.70
CA LYS A 1095 45.00 29.55 3.75
C LYS A 1095 43.67 29.04 4.26
N GLU A 1096 42.61 29.82 4.05
CA GLU A 1096 41.28 29.41 4.46
C GLU A 1096 40.77 28.28 3.57
N ILE A 1097 40.38 27.17 4.18
CA ILE A 1097 39.92 26.01 3.44
C ILE A 1097 38.68 26.33 2.60
N LYS A 1098 37.92 27.31 3.06
CA LYS A 1098 36.70 27.76 2.39
C LYS A 1098 36.98 28.24 0.97
N GLN A 1099 38.08 28.96 0.78
CA GLN A 1099 38.48 29.43 -0.54
C GLN A 1099 39.40 28.41 -1.21
N LEU A 1100 39.81 27.41 -0.44
CA LEU A 1100 40.70 26.36 -0.92
C LEU A 1100 39.95 25.36 -1.78
N ASN A 1101 40.65 24.65 -2.65
CA ASN A 1101 40.05 23.55 -3.39
C ASN A 1101 39.50 22.53 -2.41
N VAL A 1102 38.31 22.00 -2.69
CA VAL A 1102 37.68 21.03 -1.81
C VAL A 1102 38.35 19.66 -1.94
N GLN A 1103 38.55 19.22 -3.17
CA GLN A 1103 39.08 17.89 -3.41
C GLN A 1103 40.50 17.78 -2.88
N TRP A 1104 41.35 18.71 -3.30
CA TRP A 1104 42.75 18.72 -2.88
C TRP A 1104 42.82 18.79 -1.37
N LEU A 1105 41.93 19.58 -0.78
CA LEU A 1105 41.84 19.68 0.67
C LEU A 1105 41.61 18.31 1.24
N ARG A 1106 40.53 17.68 0.82
CA ARG A 1106 40.19 16.36 1.32
C ARG A 1106 41.27 15.34 0.95
N ALA A 1107 42.02 15.62 -0.10
CA ALA A 1107 43.04 14.69 -0.60
C ALA A 1107 44.23 14.58 0.36
N GLN A 1108 44.42 15.58 1.21
CA GLN A 1108 45.54 15.58 2.15
C GLN A 1108 45.15 14.98 3.50
N LEU A 1109 43.92 14.47 3.59
CA LEU A 1109 43.37 14.01 4.86
C LEU A 1109 43.30 12.49 5.00
N GLY A 1110 43.67 12.03 6.19
CA GLY A 1110 43.88 10.63 6.51
C GLY A 1110 42.74 9.95 7.27
N ILE A 1111 41.51 10.41 7.07
CA ILE A 1111 40.37 10.05 7.92
C ILE A 1111 40.20 8.55 8.23
N VAL A 1112 40.04 8.26 9.52
CA VAL A 1112 39.74 6.93 10.04
C VAL A 1112 38.60 7.04 11.05
N SER A 1113 37.45 6.44 10.74
CA SER A 1113 36.26 6.52 11.57
C SER A 1113 36.10 5.32 12.51
N GLN A 1114 34.93 5.22 13.13
CA GLN A 1114 34.66 4.17 14.13
C GLN A 1114 34.54 2.80 13.49
N GLU A 1115 33.53 2.64 12.63
CA GLU A 1115 33.22 1.36 12.03
C GLU A 1115 33.44 1.46 10.53
N PRO A 1116 34.67 1.17 10.08
CA PRO A 1116 35.02 1.41 8.67
C PRO A 1116 34.21 0.54 7.72
N ILE A 1117 33.64 1.16 6.70
CA ILE A 1117 32.90 0.42 5.68
C ILE A 1117 33.84 0.08 4.54
N LEU A 1118 33.85 -1.19 4.17
CA LEU A 1118 34.64 -1.69 3.04
C LEU A 1118 33.68 -2.16 1.95
N PHE A 1119 33.87 -1.68 0.73
CA PHE A 1119 33.02 -2.08 -0.39
C PHE A 1119 33.39 -3.50 -0.82
N ASP A 1120 32.51 -4.18 -1.54
CA ASP A 1120 32.81 -5.55 -1.92
C ASP A 1120 33.76 -5.56 -3.11
N CYS A 1121 34.97 -6.06 -2.86
CA CYS A 1121 36.04 -6.13 -3.84
C CYS A 1121 37.29 -6.61 -3.13
N SER A 1122 38.37 -6.80 -3.88
CA SER A 1122 39.65 -7.19 -3.29
C SER A 1122 40.07 -6.24 -2.17
N ILE A 1123 40.62 -6.80 -1.10
CA ILE A 1123 41.11 -5.97 0.00
C ILE A 1123 42.21 -5.05 -0.51
N ALA A 1124 42.88 -5.48 -1.57
CA ALA A 1124 43.86 -4.64 -2.25
C ALA A 1124 43.16 -3.46 -2.90
N GLU A 1125 41.94 -3.68 -3.40
CA GLU A 1125 41.17 -2.61 -3.99
C GLU A 1125 40.57 -1.71 -2.92
N ASN A 1126 40.29 -2.28 -1.75
CA ASN A 1126 39.83 -1.49 -0.62
C ASN A 1126 40.95 -0.58 -0.13
N ILE A 1127 42.13 -1.15 0.06
CA ILE A 1127 43.31 -0.39 0.41
C ILE A 1127 43.67 0.62 -0.68
N ALA A 1128 43.57 0.20 -1.93
CA ALA A 1128 43.93 1.07 -3.06
C ALA A 1128 42.93 2.19 -3.24
N TYR A 1129 41.83 2.13 -2.50
CA TYR A 1129 40.83 3.19 -2.55
C TYR A 1129 41.36 4.46 -1.91
N GLY A 1130 42.39 4.31 -1.09
CA GLY A 1130 42.98 5.44 -0.38
C GLY A 1130 43.48 6.54 -1.31
N ASP A 1131 43.82 6.17 -2.54
CA ASP A 1131 44.32 7.12 -3.51
C ASP A 1131 43.67 6.87 -4.87
N ASN A 1132 43.01 7.89 -5.39
CA ASN A 1132 42.36 7.80 -6.70
C ASN A 1132 43.06 8.72 -7.71
N SER A 1133 42.57 8.74 -8.94
CA SER A 1133 43.22 9.45 -10.04
C SER A 1133 44.55 8.80 -10.42
N ARG A 1134 44.96 7.78 -9.66
CA ARG A 1134 46.18 7.04 -9.92
C ARG A 1134 46.01 5.63 -9.38
N VAL A 1135 46.62 4.66 -10.04
CA VAL A 1135 46.58 3.30 -9.56
C VAL A 1135 47.73 3.08 -8.58
N VAL A 1136 47.41 2.47 -7.45
CA VAL A 1136 48.39 2.26 -6.39
C VAL A 1136 49.16 0.95 -6.64
N SER A 1137 50.47 1.00 -6.45
CA SER A 1137 51.32 -0.16 -6.69
C SER A 1137 51.03 -1.27 -5.70
N TYR A 1138 51.41 -2.50 -6.08
CA TYR A 1138 51.24 -3.64 -5.20
C TYR A 1138 52.16 -3.52 -3.99
N GLU A 1139 53.45 -3.29 -4.25
CA GLU A 1139 54.42 -3.09 -3.18
C GLU A 1139 54.01 -1.92 -2.29
N GLU A 1140 53.26 -0.99 -2.86
CA GLU A 1140 52.78 0.18 -2.13
C GLU A 1140 51.69 -0.22 -1.13
N ILE A 1141 50.68 -0.95 -1.60
CA ILE A 1141 49.62 -1.40 -0.73
C ILE A 1141 50.18 -2.44 0.25
N VAL A 1142 51.26 -3.11 -0.17
CA VAL A 1142 51.99 -3.99 0.73
C VAL A 1142 52.58 -3.16 1.85
N ARG A 1143 53.31 -2.09 1.50
CA ARG A 1143 53.89 -1.19 2.48
C ARG A 1143 52.82 -0.67 3.43
N ALA A 1144 51.70 -0.22 2.87
CA ALA A 1144 50.58 0.28 3.66
C ALA A 1144 50.02 -0.81 4.58
N ALA A 1145 49.93 -2.03 4.07
CA ALA A 1145 49.45 -3.15 4.87
C ALA A 1145 50.48 -3.57 5.91
N LYS A 1146 51.76 -3.35 5.62
CA LYS A 1146 52.83 -3.67 6.56
C LYS A 1146 52.83 -2.63 7.67
N GLU A 1147 52.53 -1.40 7.30
CA GLU A 1147 52.45 -0.29 8.25
C GLU A 1147 51.26 -0.46 9.19
N ALA A 1148 50.16 -0.98 8.65
CA ALA A 1148 48.92 -1.15 9.41
C ALA A 1148 48.91 -2.46 10.21
N ASN A 1149 49.96 -3.26 10.07
CA ASN A 1149 50.11 -4.52 10.80
C ASN A 1149 48.96 -5.50 10.51
N ILE A 1150 48.35 -5.37 9.34
CA ILE A 1150 47.29 -6.28 8.91
C ILE A 1150 47.88 -7.45 8.12
N HIS A 1151 49.17 -7.35 7.80
CA HIS A 1151 49.82 -8.32 6.92
C HIS A 1151 49.71 -9.76 7.42
N GLN A 1152 49.52 -9.92 8.73
CA GLN A 1152 49.35 -11.26 9.31
C GLN A 1152 48.15 -11.95 8.69
N PHE A 1153 47.08 -11.19 8.46
CA PHE A 1153 45.87 -11.72 7.86
C PHE A 1153 46.04 -11.89 6.36
N ILE A 1154 46.59 -10.87 5.71
CA ILE A 1154 46.61 -10.81 4.25
C ILE A 1154 47.45 -11.94 3.66
N ASP A 1155 48.56 -12.28 4.32
CA ASP A 1155 49.41 -13.35 3.82
C ASP A 1155 48.87 -14.72 4.21
N SER A 1156 48.00 -14.74 5.22
CA SER A 1156 47.43 -15.99 5.73
C SER A 1156 46.33 -16.54 4.84
N LEU A 1157 45.58 -15.65 4.19
CA LEU A 1157 44.45 -16.05 3.35
C LEU A 1157 44.90 -16.86 2.14
N PRO A 1158 44.02 -17.73 1.63
CA PRO A 1158 44.33 -18.47 0.41
C PRO A 1158 44.42 -17.55 -0.80
N ASP A 1159 43.51 -16.59 -0.89
CA ASP A 1159 43.50 -15.64 -2.00
C ASP A 1159 44.49 -14.51 -1.78
N LYS A 1160 44.88 -14.32 -0.52
CA LYS A 1160 45.76 -13.22 -0.12
C LYS A 1160 45.12 -11.88 -0.49
N TYR A 1161 45.92 -10.97 -1.06
CA TYR A 1161 45.46 -9.61 -1.34
C TYR A 1161 44.27 -9.57 -2.29
N ASN A 1162 44.02 -10.67 -3.00
CA ASN A 1162 42.91 -10.75 -3.92
C ASN A 1162 41.62 -11.22 -3.25
N THR A 1163 41.70 -11.51 -1.95
CA THR A 1163 40.55 -12.02 -1.22
C THR A 1163 39.41 -11.00 -1.24
N ARG A 1164 38.18 -11.49 -1.38
CA ARG A 1164 37.01 -10.60 -1.36
C ARG A 1164 36.55 -10.38 0.08
N VAL A 1165 36.09 -9.16 0.35
CA VAL A 1165 35.59 -8.78 1.67
C VAL A 1165 34.33 -7.95 1.44
N GLY A 1166 33.54 -7.70 2.48
CA GLY A 1166 32.29 -6.98 2.34
C GLY A 1166 31.05 -7.86 2.42
N ASP A 1167 31.24 -9.08 2.94
CA ASP A 1167 30.15 -9.98 3.31
C ASP A 1167 29.58 -10.75 2.13
N LYS A 1168 29.92 -10.34 0.90
CA LYS A 1168 29.50 -11.10 -0.26
C LYS A 1168 30.28 -12.40 -0.34
N GLY A 1169 31.62 -12.29 -0.36
CA GLY A 1169 32.49 -13.46 -0.46
C GLY A 1169 33.19 -13.91 0.81
N THR A 1170 33.25 -13.05 1.83
CA THR A 1170 33.99 -13.38 3.06
C THR A 1170 33.53 -12.55 4.25
N GLN A 1171 33.83 -13.03 5.45
CA GLN A 1171 33.55 -12.31 6.70
C GLN A 1171 34.84 -12.11 7.51
N LEU A 1172 34.96 -10.93 8.12
CA LEU A 1172 36.08 -10.60 8.99
C LEU A 1172 35.57 -9.93 10.26
N SER A 1173 36.44 -9.81 11.26
CA SER A 1173 36.10 -9.11 12.49
C SER A 1173 36.51 -7.65 12.40
N GLY A 1174 36.23 -6.89 13.45
CA GLY A 1174 36.49 -5.46 13.46
C GLY A 1174 37.96 -5.12 13.29
N GLY A 1175 38.81 -5.84 14.01
CA GLY A 1175 40.24 -5.57 14.01
C GLY A 1175 40.82 -5.47 12.62
N GLN A 1176 40.56 -6.48 11.81
CA GLN A 1176 41.07 -6.54 10.45
C GLN A 1176 40.56 -5.36 9.63
N LYS A 1177 39.25 -5.17 9.64
CA LYS A 1177 38.62 -4.07 8.91
C LYS A 1177 39.26 -2.73 9.28
N GLN A 1178 39.45 -2.51 10.57
CA GLN A 1178 40.08 -1.28 11.04
C GLN A 1178 41.51 -1.17 10.52
N ARG A 1179 42.32 -2.21 10.72
CA ARG A 1179 43.68 -2.17 10.20
C ARG A 1179 43.68 -1.88 8.69
N ILE A 1180 42.67 -2.41 8.00
CA ILE A 1180 42.54 -2.15 6.56
C ILE A 1180 42.20 -0.68 6.33
N ALA A 1181 41.36 -0.13 7.19
CA ALA A 1181 41.08 1.31 7.12
C ALA A 1181 42.33 2.14 7.41
N ILE A 1182 43.17 1.69 8.33
CA ILE A 1182 44.45 2.35 8.60
C ILE A 1182 45.30 2.29 7.33
N ALA A 1183 45.46 1.11 6.76
CA ALA A 1183 46.22 0.95 5.53
C ALA A 1183 45.68 1.89 4.45
N ARG A 1184 44.36 1.87 4.28
CA ARG A 1184 43.67 2.76 3.36
C ARG A 1184 44.01 4.21 3.66
N ALA A 1185 44.07 4.54 4.95
CA ALA A 1185 44.39 5.89 5.37
C ALA A 1185 45.82 6.26 4.97
N LEU A 1186 46.79 5.47 5.38
CA LEU A 1186 48.20 5.87 5.23
C LEU A 1186 48.84 5.44 3.91
N VAL A 1187 48.13 4.68 3.07
CA VAL A 1187 48.62 4.46 1.71
C VAL A 1187 48.56 5.77 0.95
N ARG A 1188 47.63 6.63 1.38
CA ARG A 1188 47.47 7.95 0.80
C ARG A 1188 48.65 8.85 1.18
N GLN A 1189 49.38 8.46 2.21
CA GLN A 1189 50.47 9.26 2.75
C GLN A 1189 49.97 10.66 3.09
N PRO A 1190 48.98 10.75 4.00
CA PRO A 1190 48.40 12.06 4.31
C PRO A 1190 49.31 12.87 5.23
N HIS A 1191 49.23 14.19 5.14
CA HIS A 1191 49.94 15.06 6.07
C HIS A 1191 49.10 15.26 7.34
N ILE A 1192 47.82 14.94 7.25
CA ILE A 1192 46.90 15.02 8.38
C ILE A 1192 46.13 13.72 8.56
N LEU A 1193 46.41 12.99 9.63
CA LEU A 1193 45.62 11.82 9.98
C LEU A 1193 44.45 12.28 10.83
N LEU A 1194 43.29 11.66 10.65
CA LEU A 1194 42.15 11.95 11.50
C LEU A 1194 41.58 10.66 12.05
N LEU A 1195 41.74 10.47 13.35
CA LEU A 1195 41.30 9.24 14.00
C LEU A 1195 40.06 9.55 14.84
N ASP A 1196 38.91 9.08 14.37
CA ASP A 1196 37.65 9.31 15.05
C ASP A 1196 37.25 8.05 15.81
N GLU A 1197 37.46 8.05 17.13
CA GLU A 1197 37.04 6.96 18.01
C GLU A 1197 37.34 5.59 17.39
N ALA A 1198 38.54 5.45 16.84
CA ALA A 1198 38.90 4.28 16.05
C ALA A 1198 38.73 2.95 16.78
N THR A 1199 38.92 2.98 18.10
CA THR A 1199 38.84 1.78 18.92
C THR A 1199 37.45 1.56 19.53
N SER A 1200 36.50 2.40 19.13
CA SER A 1200 35.17 2.41 19.74
C SER A 1200 34.57 1.02 19.93
N ALA A 1201 34.27 0.34 18.81
CA ALA A 1201 33.82 -1.05 18.89
C ALA A 1201 35.03 -1.97 18.70
N LEU A 1202 35.42 -2.61 19.80
CA LEU A 1202 36.65 -3.40 19.85
C LEU A 1202 36.82 -3.93 21.26
N ASP A 1203 37.70 -4.91 21.44
CA ASP A 1203 37.87 -5.55 22.74
C ASP A 1203 39.22 -6.21 22.92
N THR A 1204 39.59 -6.44 24.17
CA THR A 1204 40.79 -7.19 24.56
C THR A 1204 42.03 -6.78 23.76
N GLU A 1205 42.77 -7.76 23.24
CA GLU A 1205 44.03 -7.50 22.55
C GLU A 1205 43.87 -6.74 21.24
N SER A 1206 42.66 -6.79 20.66
CA SER A 1206 42.40 -6.08 19.42
C SER A 1206 42.67 -4.58 19.60
N GLU A 1207 42.18 -4.04 20.71
CA GLU A 1207 42.45 -2.65 21.04
C GLU A 1207 43.94 -2.41 21.16
N LYS A 1208 44.66 -3.36 21.75
CA LYS A 1208 46.10 -3.23 21.93
C LYS A 1208 46.82 -3.15 20.59
N VAL A 1209 46.57 -4.12 19.73
CA VAL A 1209 47.24 -4.18 18.43
C VAL A 1209 46.83 -3.02 17.53
N VAL A 1210 45.53 -2.69 17.52
CA VAL A 1210 45.05 -1.58 16.70
C VAL A 1210 45.59 -0.25 17.24
N GLN A 1211 45.64 -0.10 18.56
CA GLN A 1211 46.24 1.09 19.16
C GLN A 1211 47.72 1.15 18.81
N GLU A 1212 48.38 -0.01 18.82
CA GLU A 1212 49.78 -0.08 18.45
C GLU A 1212 49.96 0.40 17.01
N ALA A 1213 49.11 -0.11 16.12
CA ALA A 1213 49.15 0.32 14.72
C ALA A 1213 48.92 1.83 14.59
N LEU A 1214 47.85 2.32 15.20
CA LEU A 1214 47.54 3.75 15.18
C LEU A 1214 48.69 4.58 15.75
N ASP A 1215 49.30 4.08 16.81
CA ASP A 1215 50.42 4.77 17.44
C ASP A 1215 51.60 4.81 16.47
N LYS A 1216 51.83 3.71 15.78
CA LYS A 1216 52.88 3.66 14.76
C LYS A 1216 52.51 4.53 13.57
N ALA A 1217 51.21 4.68 13.30
CA ALA A 1217 50.73 5.48 12.18
C ALA A 1217 51.04 6.97 12.35
N ARG A 1218 50.88 7.47 13.57
CA ARG A 1218 51.11 8.89 13.85
C ARG A 1218 52.57 9.15 14.22
N GLU A 1219 52.83 10.35 14.75
CA GLU A 1219 54.15 10.79 15.20
C GLU A 1219 55.05 11.19 14.04
N GLY A 1220 54.67 10.81 12.83
CA GLY A 1220 55.33 11.29 11.63
C GLY A 1220 54.44 12.27 10.87
N ARG A 1221 53.24 12.47 11.37
CA ARG A 1221 52.25 13.31 10.69
C ARG A 1221 51.51 14.19 11.69
N THR A 1222 50.92 15.26 11.17
CA THR A 1222 49.92 16.00 11.92
C THR A 1222 48.74 15.07 12.08
N CYS A 1223 48.12 15.07 13.26
CA CYS A 1223 46.89 14.29 13.42
C CYS A 1223 46.03 14.80 14.56
N ILE A 1224 44.75 14.42 14.51
CA ILE A 1224 43.79 14.80 15.52
C ILE A 1224 43.11 13.54 16.03
N VAL A 1225 43.34 13.21 17.29
CA VAL A 1225 42.83 11.98 17.88
C VAL A 1225 41.79 12.30 18.96
N ILE A 1226 40.56 11.89 18.70
CA ILE A 1226 39.46 12.11 19.63
C ILE A 1226 39.17 10.87 20.49
N ALA A 1227 40.01 9.85 20.39
CA ALA A 1227 39.72 8.52 20.92
C ALA A 1227 39.33 8.55 22.40
N HIS A 1228 38.42 7.64 22.77
CA HIS A 1228 37.78 7.67 24.07
C HIS A 1228 38.63 7.04 25.17
N ARG A 1229 39.74 6.40 24.79
CA ARG A 1229 40.65 5.87 25.78
C ARG A 1229 41.70 6.92 26.09
N LEU A 1230 41.61 7.50 27.27
CA LEU A 1230 42.48 8.60 27.65
C LEU A 1230 43.83 8.07 28.08
N SER A 1231 43.85 6.86 28.63
CA SER A 1231 45.09 6.20 29.01
C SER A 1231 46.02 6.11 27.80
N THR A 1232 45.44 6.03 26.61
CA THR A 1232 46.20 5.98 25.37
C THR A 1232 46.50 7.36 24.81
N ILE A 1233 45.86 8.37 25.38
CA ILE A 1233 46.13 9.77 25.03
C ILE A 1233 47.23 10.33 25.94
N GLN A 1234 47.55 9.58 27.00
CA GLN A 1234 48.52 10.04 28.00
C GLN A 1234 49.82 10.51 27.35
N ASN A 1235 50.15 9.94 26.21
CA ASN A 1235 51.19 10.51 25.35
C ASN A 1235 50.53 11.23 24.19
N ALA A 1236 50.54 12.55 24.27
CA ALA A 1236 50.03 13.40 23.20
C ALA A 1236 50.74 14.74 23.31
N ASP A 1237 50.97 15.40 22.18
CA ASP A 1237 51.66 16.68 22.22
C ASP A 1237 50.77 17.75 22.86
N LEU A 1238 49.50 17.78 22.44
CA LEU A 1238 48.53 18.72 23.01
C LEU A 1238 47.19 18.06 23.29
N ILE A 1239 46.76 18.10 24.55
CA ILE A 1239 45.42 17.67 24.93
C ILE A 1239 44.53 18.90 25.02
N VAL A 1240 43.29 18.79 24.53
CA VAL A 1240 42.36 19.91 24.53
C VAL A 1240 40.97 19.47 24.95
N VAL A 1241 40.49 20.00 26.07
CA VAL A 1241 39.14 19.70 26.55
C VAL A 1241 38.15 20.70 25.96
N ILE A 1242 37.09 20.19 25.33
CA ILE A 1242 36.04 21.05 24.77
C ILE A 1242 34.82 21.06 25.69
N GLN A 1243 34.25 22.25 25.89
CA GLN A 1243 33.07 22.44 26.74
C GLN A 1243 32.07 23.36 26.06
N ASN A 1244 30.88 22.84 25.79
CA ASN A 1244 29.80 23.65 25.24
C ASN A 1244 30.21 24.38 23.96
N GLY A 1245 31.16 23.82 23.23
CA GLY A 1245 31.63 24.41 21.99
C GLY A 1245 32.85 25.32 22.18
N LYS A 1246 33.11 25.73 23.42
CA LYS A 1246 34.30 26.53 23.71
C LYS A 1246 35.37 25.65 24.31
N VAL A 1247 36.60 25.79 23.85
CA VAL A 1247 37.70 25.06 24.46
C VAL A 1247 37.83 25.49 25.91
N LYS A 1248 37.79 24.52 26.82
CA LYS A 1248 37.75 24.78 28.26
C LYS A 1248 39.14 24.64 28.86
N GLU A 1249 39.70 23.44 28.73
CA GLU A 1249 41.04 23.15 29.23
C GLU A 1249 41.97 22.90 28.04
N HIS A 1250 43.26 23.07 28.29
CA HIS A 1250 44.26 23.03 27.24
C HIS A 1250 45.60 22.60 27.83
N GLY A 1251 46.48 22.04 27.01
CA GLY A 1251 47.83 21.74 27.44
C GLY A 1251 48.18 20.27 27.62
N THR A 1252 49.48 20.02 27.81
CA THR A 1252 50.01 18.66 27.91
C THR A 1252 49.47 17.93 29.12
N HIS A 1253 49.56 16.60 29.08
CA HIS A 1253 48.96 15.75 30.10
C HIS A 1253 49.33 16.15 31.52
N GLN A 1254 50.62 16.22 31.81
CA GLN A 1254 51.08 16.52 33.17
C GLN A 1254 50.59 17.90 33.64
N GLN A 1255 50.36 18.80 32.70
CA GLN A 1255 49.83 20.12 33.03
C GLN A 1255 48.35 20.04 33.41
N LEU A 1256 47.56 19.39 32.56
CA LEU A 1256 46.16 19.16 32.86
C LEU A 1256 46.02 18.29 34.11
N LEU A 1257 47.07 17.50 34.38
CA LEU A 1257 47.12 16.70 35.59
C LEU A 1257 47.54 17.54 36.78
N ALA A 1258 48.43 18.51 36.54
CA ALA A 1258 48.85 19.43 37.59
C ALA A 1258 47.66 20.27 38.05
N GLN A 1259 46.97 20.84 37.07
CA GLN A 1259 45.71 21.52 37.29
C GLN A 1259 44.70 20.50 37.79
N LYS A 1260 43.65 20.98 38.45
CA LYS A 1260 42.55 20.12 38.84
C LYS A 1260 41.28 20.69 38.22
N GLY A 1261 40.56 19.84 37.50
CA GLY A 1261 39.44 20.28 36.69
C GLY A 1261 38.86 19.14 35.88
N ILE A 1262 38.18 19.47 34.79
CA ILE A 1262 37.46 18.49 34.00
C ILE A 1262 38.33 17.30 33.60
N TYR A 1263 39.44 17.55 32.91
CA TYR A 1263 40.28 16.47 32.42
C TYR A 1263 40.76 15.54 33.53
N PHE A 1264 41.11 16.10 34.68
CA PHE A 1264 41.48 15.29 35.82
C PHE A 1264 40.33 14.37 36.20
N SER A 1265 39.11 14.89 36.11
CA SER A 1265 37.93 14.10 36.40
C SER A 1265 37.71 13.06 35.30
N MET A 1266 37.94 13.44 34.05
CA MET A 1266 37.82 12.53 32.92
C MET A 1266 38.74 11.34 33.12
N VAL A 1267 39.98 11.61 33.49
CA VAL A 1267 40.97 10.55 33.67
C VAL A 1267 40.78 9.80 34.99
N SER A 1268 40.33 10.50 36.03
CA SER A 1268 40.13 9.85 37.32
C SER A 1268 38.91 8.93 37.33
N VAL A 1269 37.84 9.33 36.64
CA VAL A 1269 36.63 8.53 36.62
C VAL A 1269 36.82 7.22 35.87
N GLN A 1270 37.53 7.24 34.75
CA GLN A 1270 37.70 6.05 33.93
C GLN A 1270 38.84 5.19 34.44
N ALA A 1271 39.57 5.70 35.43
CA ALA A 1271 40.55 4.89 36.14
C ALA A 1271 39.83 4.01 37.16
N GLY A 1272 38.72 4.52 37.69
CA GLY A 1272 37.94 3.79 38.67
C GLY A 1272 37.45 2.46 38.13
N ALA A 1273 37.02 2.46 36.88
CA ALA A 1273 36.55 1.24 36.23
C ALA A 1273 37.68 0.23 36.14
N LYS A 1274 38.88 0.72 35.81
CA LYS A 1274 40.06 -0.13 35.76
C LYS A 1274 40.38 -0.69 37.14
N ARG A 1275 40.33 0.16 38.16
CA ARG A 1275 40.56 -0.29 39.53
C ARG A 1275 39.51 -1.32 39.93
N SER A 1276 38.26 -1.11 39.51
CA SER A 1276 37.19 -2.07 39.76
C SER A 1276 37.48 -3.39 39.04
N LEU A 1277 37.92 -3.31 37.79
CA LEU A 1277 38.23 -4.50 37.00
C LEU A 1277 39.40 -5.27 37.61
N GLU A 1278 40.35 -4.55 38.22
CA GLU A 1278 41.48 -5.18 38.89
C GLU A 1278 41.05 -5.88 40.19
C 30F B 1 -15.59 -6.19 -32.87
CA 30F B 1 -15.94 -5.35 -33.89
C09 30F B 1 -16.61 -4.20 -33.62
O 30F B 1 -15.73 -5.96 -31.69
SE2 30F B 1 -16.95 -3.25 -35.27
N 30F B 1 -15.65 -5.60 -35.10
N LEU B 2 -15.01 -7.36 -33.30
CA LEU B 2 -14.55 -8.43 -32.42
C LEU B 2 -13.05 -8.37 -32.37
C 30F B 3 -10.23 -7.97 -34.37
CA 30F B 3 -11.07 -8.15 -33.30
C09 30F B 3 -10.55 -8.31 -32.06
O 30F B 3 -9.04 -7.80 -34.26
SE2 30F B 3 -11.97 -8.55 -30.78
N 30F B 3 -12.35 -8.19 -33.42
N LEU B 4 -10.86 -7.99 -35.58
CA LEU B 4 -10.18 -7.81 -36.87
C LEU B 4 -10.53 -6.43 -37.35
C 30F B 5 -13.28 -4.42 -37.82
CA 30F B 5 -12.00 -4.89 -37.78
C09 30F B 5 -10.97 -4.12 -38.15
O 30F B 5 -13.57 -3.28 -38.13
SE2 30F B 5 -9.30 -5.06 -37.96
N 30F B 5 -11.73 -6.07 -37.37
N LEU B 6 -14.23 -5.34 -37.47
CA LEU B 6 -15.68 -5.06 -37.43
C LEU B 6 -16.01 -4.78 -36.00
#